data_3WQB
#
_entry.id   3WQB
#
_cell.length_a   152.062
_cell.length_b   152.062
_cell.length_c   51.625
_cell.angle_alpha   90.000
_cell.angle_beta   90.000
_cell.angle_gamma   120.000
#
_symmetry.space_group_name_H-M   'P 61'
#
loop_
_entity.id
_entity.type
_entity.pdbx_description
1 polymer 'Extracellular serine protease'
2 polymer 'Open reading frame 2'
3 non-polymer 'CALCIUM ION'
4 water water
#
loop_
_entity_poly.entity_id
_entity_poly.type
_entity_poly.pdbx_seq_one_letter_code
_entity_poly.pdbx_strand_id
1 'polypeptide(L)'
;NEGCAPLTGKESGMDIGRSSTERCLPGANPLQDQQWYLLNSGQDGFSARGGIAGNDLNLWWAHRTGVLGQGVNVAVVDDG
LAIAHPDLADNVRPGSKNVVTGSDDPTPTDPDTAHGTSVSGIIAAVDNAIGTKGIAPRAQLQGFNLLDDNSQQLQKDWLY
ALGDSNASRDNRVFNQSYGMSVVDPRSANSLDQSQLDRLFEQQTLKAQGAAYIKAAGNGFNKIAAGGYVLNRTGNGPKLP
FENSNLDPSNSNFWNLVVSALNADGVRSSYSSVGSNIFLSATGGEYGTDTPAMVTTDLPGCDMGYNRTDDPSTNRLHGNS
QLDASCDYNGVMNGTASATPSTSGAMALLMSAYPDLSVRDLRDLLARSATRVDAKHQPVMVSYTSSTGKVRDVKGLEGWE
RNAAGMWFSPTYGFGLIDVNKALELAANHQPLPPLVQLPWQKINVTGSAAAIADVGNSPTSSTTRIATPLTVEAVQVMVS
LDHQRLPDLLIELVSPAGTRSILLSPFNSLVGQSLDQQQLGFVRTKGLRDMRMLSNKFYGESAQGTWRLEVTDVANGTRQ
VSLLNRETRERTTLTERNNRQPGKLISWSLRVLGHDANRS
;
A
2 'polypeptide(L)'
;QEHHHHHHSSGLVPRGSGQESVTMDGKQYSTIEVNGQTYLIPDNGSKKRVARSLDSKVPQQTLRRGDVLMQGAASPELTV
SGTLLVEADDASAKALATRHGLNFKQSSGGIALLEAKPGTDLNAIATKLKSEGVNVQIELSGAEQQPK
;
B
#
# COMPACT_ATOMS: atom_id res chain seq x y z
N ASN A 1 24.00 21.34 6.46
CA ASN A 1 25.29 22.05 6.58
C ASN A 1 25.06 23.56 6.63
N GLU A 2 25.66 24.21 7.63
CA GLU A 2 25.44 25.65 7.81
C GLU A 2 26.08 26.47 6.69
N GLY A 3 27.02 25.85 5.98
CA GLY A 3 27.65 26.44 4.80
C GLY A 3 26.84 26.32 3.51
N CYS A 4 25.66 25.70 3.60
CA CYS A 4 24.77 25.58 2.46
C CYS A 4 23.72 26.69 2.54
N ALA A 5 23.95 27.73 1.75
CA ALA A 5 23.19 28.96 1.84
C ALA A 5 21.86 28.85 1.10
N PRO A 6 20.86 29.68 1.47
CA PRO A 6 19.62 29.68 0.69
C PRO A 6 19.86 30.12 -0.75
N LEU A 7 19.04 29.60 -1.65
CA LEU A 7 19.01 30.08 -3.03
C LEU A 7 17.81 30.98 -3.19
N THR A 8 17.90 31.90 -4.15
CA THR A 8 16.76 32.78 -4.45
C THR A 8 15.62 32.01 -5.12
N GLY A 9 15.97 30.92 -5.79
CA GLY A 9 15.00 30.15 -6.58
C GLY A 9 14.83 30.69 -7.99
N LYS A 10 15.57 31.76 -8.30
CA LYS A 10 15.45 32.45 -9.59
C LYS A 10 16.76 32.48 -10.36
N GLU A 11 17.79 31.85 -9.78
CA GLU A 11 19.11 31.79 -10.41
C GLU A 11 19.02 31.30 -11.85
N SER A 12 19.57 32.09 -12.76
CA SER A 12 19.58 31.74 -14.16
C SER A 12 20.55 30.59 -14.39
N GLY A 13 20.10 29.57 -15.12
CA GLY A 13 20.96 28.43 -15.46
C GLY A 13 21.19 27.42 -14.34
N MET A 14 20.42 27.52 -13.26
CA MET A 14 20.52 26.59 -12.14
C MET A 14 20.30 25.15 -12.59
N ASP A 15 21.24 24.27 -12.21
CA ASP A 15 21.13 22.83 -12.41
C ASP A 15 20.41 22.29 -11.17
N ILE A 16 19.20 21.78 -11.37
CA ILE A 16 18.39 21.24 -10.26
C ILE A 16 18.52 19.72 -10.13
N GLY A 17 19.45 19.16 -10.89
CA GLY A 17 19.61 17.71 -10.98
C GLY A 17 20.33 17.03 -9.83
N ARG A 18 20.43 15.71 -9.96
CA ARG A 18 20.97 14.83 -8.92
C ARG A 18 22.49 14.88 -8.79
N SER A 19 23.16 15.55 -9.73
CA SER A 19 24.61 15.69 -9.68
C SER A 19 25.07 17.15 -9.75
N SER A 20 24.15 18.07 -9.42
CA SER A 20 24.41 19.51 -9.53
C SER A 20 25.55 19.98 -8.63
N THR A 21 26.32 20.93 -9.11
CA THR A 21 27.33 21.60 -8.27
C THR A 21 26.70 22.34 -7.08
N GLU A 22 25.41 22.63 -7.17
CA GLU A 22 24.70 23.38 -6.14
C GLU A 22 23.97 22.46 -5.14
N ARG A 23 24.20 21.16 -5.27
CA ARG A 23 23.50 20.17 -4.47
C ARG A 23 24.03 20.08 -3.04
N CYS A 24 23.27 20.65 -2.10
CA CYS A 24 23.56 20.60 -0.67
C CYS A 24 22.29 20.87 0.12
N LEU A 25 22.31 20.50 1.40
CA LEU A 25 21.18 20.74 2.30
C LEU A 25 21.55 21.74 3.39
N PRO A 26 20.71 22.79 3.56
CA PRO A 26 20.87 23.61 4.76
C PRO A 26 20.53 22.81 6.03
N GLY A 27 21.03 23.28 7.16
CA GLY A 27 20.61 22.74 8.45
C GLY A 27 21.74 22.32 9.34
N ALA A 28 21.43 22.27 10.63
CA ALA A 28 22.40 21.96 11.68
C ALA A 28 22.00 20.72 12.46
N ASN A 29 21.19 19.86 11.85
CA ASN A 29 20.82 18.59 12.46
C ASN A 29 22.01 17.64 12.34
N PRO A 30 22.55 17.18 13.48
CA PRO A 30 23.81 16.44 13.41
C PRO A 30 23.79 15.15 12.58
N LEU A 31 22.61 14.55 12.40
CA LEU A 31 22.54 13.29 11.66
C LEU A 31 22.11 13.45 10.20
N GLN A 32 21.85 14.68 9.75
CA GLN A 32 21.26 14.84 8.42
C GLN A 32 22.16 14.39 7.28
N ASP A 33 23.48 14.44 7.49
CA ASP A 33 24.40 13.97 6.45
C ASP A 33 24.43 12.46 6.33
N GLN A 34 23.75 11.76 7.25
CA GLN A 34 23.60 10.31 7.15
C GLN A 34 22.19 9.88 6.72
N GLN A 35 21.35 10.87 6.40
CA GLN A 35 20.04 10.62 5.79
C GLN A 35 20.22 10.64 4.27
N TRP A 36 20.65 9.52 3.72
CA TRP A 36 20.96 9.45 2.28
C TRP A 36 19.71 9.68 1.45
N TYR A 37 18.55 9.46 2.04
CA TYR A 37 17.31 9.65 1.32
C TYR A 37 17.01 11.13 1.03
N LEU A 38 17.52 12.01 1.88
CA LEU A 38 17.44 13.45 1.61
C LEU A 38 18.41 13.83 0.49
N LEU A 39 19.65 13.33 0.60
CA LEU A 39 20.70 13.62 -0.35
C LEU A 39 21.70 12.46 -0.21
N ASN A 40 21.82 11.71 -1.29
CA ASN A 40 22.66 10.51 -1.30
C ASN A 40 23.99 10.84 -1.92
N SER A 41 25.02 10.92 -1.06
CA SER A 41 26.39 11.19 -1.50
C SER A 41 27.23 9.92 -1.44
N GLY A 42 26.57 8.76 -1.38
CA GLY A 42 27.28 7.48 -1.24
C GLY A 42 27.63 7.17 0.20
N GLN A 43 26.98 7.86 1.14
CA GLN A 43 27.25 7.67 2.58
C GLN A 43 26.58 6.39 3.09
N ASP A 44 27.09 5.87 4.19
CA ASP A 44 26.67 4.54 4.64
C ASP A 44 25.43 4.51 5.55
N GLY A 45 24.93 5.68 5.98
CA GLY A 45 23.82 5.70 6.96
C GLY A 45 24.11 4.92 8.23
N PHE A 46 25.40 4.85 8.60
CA PHE A 46 25.89 4.08 9.76
C PHE A 46 25.90 2.56 9.58
N SER A 47 25.59 2.12 8.36
CA SER A 47 25.71 0.71 7.99
C SER A 47 27.13 0.44 7.49
N ALA A 48 27.38 -0.80 7.09
CA ALA A 48 28.72 -1.22 6.68
C ALA A 48 29.21 -0.60 5.38
N ARG A 49 28.29 -0.19 4.51
CA ARG A 49 28.70 0.44 3.24
C ARG A 49 27.67 1.44 2.72
N GLY A 50 28.13 2.34 1.87
CA GLY A 50 27.27 3.30 1.20
C GLY A 50 26.75 2.77 -0.13
N GLY A 51 25.80 3.49 -0.69
CA GLY A 51 25.23 3.16 -1.99
C GLY A 51 25.85 3.99 -3.09
N ILE A 52 25.03 4.39 -4.04
CA ILE A 52 25.49 5.11 -5.22
C ILE A 52 24.88 6.51 -5.19
N ALA A 53 25.74 7.51 -5.25
CA ALA A 53 25.32 8.91 -5.16
C ALA A 53 24.21 9.28 -6.15
N GLY A 54 23.27 10.09 -5.69
CA GLY A 54 22.18 10.61 -6.53
C GLY A 54 20.85 9.91 -6.33
N ASN A 55 20.90 8.74 -5.71
CA ASN A 55 19.70 7.93 -5.48
C ASN A 55 19.00 8.33 -4.19
N ASP A 56 18.15 9.34 -4.32
CA ASP A 56 17.51 10.02 -3.20
C ASP A 56 16.25 10.70 -3.73
N LEU A 57 15.63 11.55 -2.92
CA LEU A 57 14.38 12.20 -3.33
C LEU A 57 14.59 13.48 -4.16
N ASN A 58 15.85 13.81 -4.43
CA ASN A 58 16.26 15.03 -5.14
C ASN A 58 15.45 16.23 -4.69
N LEU A 59 15.57 16.54 -3.41
CA LEU A 59 14.77 17.59 -2.78
C LEU A 59 15.62 18.76 -2.31
N TRP A 60 16.92 18.74 -2.64
CA TRP A 60 17.83 19.77 -2.13
C TRP A 60 17.44 21.20 -2.51
N TRP A 61 16.87 21.39 -3.69
CA TRP A 61 16.49 22.72 -4.16
C TRP A 61 15.24 23.20 -3.43
N ALA A 62 14.31 22.30 -3.13
CA ALA A 62 13.21 22.64 -2.23
C ALA A 62 13.76 23.16 -0.89
N HIS A 63 14.68 22.41 -0.29
CA HIS A 63 15.23 22.81 0.99
C HIS A 63 16.00 24.13 0.90
N ARG A 64 16.78 24.34 -0.16
CA ARG A 64 17.54 25.57 -0.32
C ARG A 64 16.68 26.77 -0.66
N THR A 65 15.44 26.55 -1.09
CA THR A 65 14.53 27.68 -1.39
C THR A 65 13.41 27.83 -0.36
N GLY A 66 13.49 27.09 0.74
CA GLY A 66 12.54 27.26 1.83
C GLY A 66 11.21 26.54 1.66
N VAL A 67 11.14 25.62 0.70
CA VAL A 67 9.99 24.73 0.55
C VAL A 67 10.17 23.57 1.53
N LEU A 68 9.36 23.60 2.59
CA LEU A 68 9.60 22.74 3.74
C LEU A 68 8.35 22.09 4.33
N GLY A 69 7.23 22.18 3.62
CA GLY A 69 6.00 21.57 4.10
C GLY A 69 5.14 22.41 5.00
N GLN A 70 5.48 23.70 5.12
CA GLN A 70 4.72 24.63 5.96
C GLN A 70 3.24 24.67 5.57
N GLY A 71 2.38 24.56 6.58
CA GLY A 71 0.94 24.63 6.38
C GLY A 71 0.29 23.32 6.02
N VAL A 72 1.10 22.25 5.90
CA VAL A 72 0.58 20.93 5.50
C VAL A 72 0.39 19.98 6.68
N ASN A 73 -0.83 19.48 6.85
CA ASN A 73 -1.19 18.58 7.95
C ASN A 73 -1.12 17.14 7.47
N VAL A 74 -0.32 16.34 8.16
CA VAL A 74 -0.11 14.93 7.82
C VAL A 74 -0.59 14.04 8.97
N ALA A 75 -1.43 13.05 8.65
CA ALA A 75 -1.84 12.03 9.62
C ALA A 75 -1.00 10.78 9.45
N VAL A 76 -0.42 10.29 10.54
CA VAL A 76 0.33 9.04 10.53
C VAL A 76 -0.52 7.99 11.21
N VAL A 77 -1.09 7.11 10.37
CA VAL A 77 -1.98 6.05 10.84
C VAL A 77 -1.11 4.80 10.94
N ASP A 78 -0.72 4.46 12.16
CA ASP A 78 0.36 3.50 12.32
C ASP A 78 0.31 2.85 13.72
N ASP A 79 1.45 2.43 14.26
CA ASP A 79 1.44 1.71 15.54
C ASP A 79 1.49 2.63 16.77
N GLY A 80 1.60 3.94 16.52
CA GLY A 80 1.89 4.87 17.60
C GLY A 80 2.70 6.05 17.13
N LEU A 81 2.88 7.02 18.02
CA LEU A 81 3.73 8.17 17.77
C LEU A 81 4.12 8.74 19.12
N ALA A 82 5.43 8.77 19.39
CA ALA A 82 5.94 9.36 20.62
C ALA A 82 5.93 10.88 20.49
N ILE A 83 4.78 11.47 20.80
CA ILE A 83 4.53 12.89 20.55
C ILE A 83 5.42 13.85 21.36
N ALA A 84 6.03 13.36 22.42
CA ALA A 84 6.95 14.18 23.21
C ALA A 84 8.42 14.05 22.79
N HIS A 85 8.72 13.27 21.73
CA HIS A 85 10.07 13.18 21.20
C HIS A 85 10.62 14.57 20.95
N PRO A 86 11.87 14.83 21.39
CA PRO A 86 12.41 16.19 21.25
C PRO A 86 12.56 16.66 19.80
N ASP A 87 12.63 15.71 18.86
CA ASP A 87 12.78 16.07 17.46
C ASP A 87 11.47 15.93 16.69
N LEU A 88 10.35 15.75 17.41
CA LEU A 88 9.01 15.70 16.80
C LEU A 88 8.00 16.66 17.41
N ALA A 89 8.14 16.92 18.71
CA ALA A 89 7.12 17.62 19.48
C ALA A 89 6.67 18.94 18.88
N ASP A 90 7.62 19.73 18.41
CA ASP A 90 7.29 21.05 17.84
C ASP A 90 6.38 20.95 16.63
N ASN A 91 6.38 19.79 15.97
CA ASN A 91 5.55 19.58 14.79
C ASN A 91 4.27 18.80 15.04
N VAL A 92 3.99 18.47 16.29
CA VAL A 92 2.76 17.76 16.60
C VAL A 92 1.65 18.77 16.76
N ARG A 93 0.54 18.57 16.05
CA ARG A 93 -0.61 19.43 16.26
C ARG A 93 -1.70 18.66 17.02
N PRO A 94 -2.66 19.38 17.61
CA PRO A 94 -3.71 18.67 18.36
C PRO A 94 -4.53 17.72 17.51
N GLY A 95 -5.03 16.67 18.15
CA GLY A 95 -5.98 15.78 17.49
C GLY A 95 -5.59 14.31 17.42
N SER A 96 -4.35 13.97 17.76
CA SER A 96 -3.96 12.56 17.83
C SER A 96 -4.89 11.80 18.77
N LYS A 97 -5.04 10.50 18.51
CA LYS A 97 -5.84 9.64 19.38
C LYS A 97 -5.17 8.30 19.61
N ASN A 98 -5.14 7.91 20.87
CA ASN A 98 -4.78 6.57 21.26
C ASN A 98 -6.07 5.76 21.25
N VAL A 99 -6.22 4.88 20.27
CA VAL A 99 -7.48 4.14 20.12
C VAL A 99 -7.59 2.98 21.11
N VAL A 100 -6.48 2.64 21.76
CA VAL A 100 -6.48 1.60 22.80
C VAL A 100 -7.00 2.18 24.13
N THR A 101 -6.44 3.32 24.56
CA THR A 101 -6.77 3.90 25.87
C THR A 101 -7.83 4.99 25.79
N GLY A 102 -8.05 5.54 24.59
CA GLY A 102 -8.96 6.66 24.42
C GLY A 102 -8.33 8.02 24.63
N SER A 103 -7.05 8.06 25.02
CA SER A 103 -6.38 9.32 25.31
C SER A 103 -6.01 10.06 24.03
N ASP A 104 -5.49 11.27 24.19
CA ASP A 104 -4.98 12.05 23.06
C ASP A 104 -3.49 11.81 22.84
N ASP A 105 -2.93 10.81 23.52
CA ASP A 105 -1.50 10.56 23.46
C ASP A 105 -1.22 9.15 22.92
N PRO A 106 -0.81 9.07 21.64
CA PRO A 106 -0.59 7.77 21.00
C PRO A 106 0.82 7.21 21.24
N THR A 107 1.49 7.63 22.30
CA THR A 107 2.82 7.13 22.62
C THR A 107 2.73 5.64 22.97
N PRO A 108 3.55 4.80 22.32
CA PRO A 108 3.51 3.36 22.64
C PRO A 108 4.02 3.03 24.03
N THR A 109 3.52 1.92 24.55
CA THR A 109 4.01 1.33 25.81
C THR A 109 4.93 0.15 25.55
N ASP A 110 4.98 -0.31 24.32
CA ASP A 110 5.78 -1.47 23.97
C ASP A 110 7.10 -1.04 23.34
N PRO A 111 8.24 -1.51 23.87
CA PRO A 111 9.54 -1.07 23.34
C PRO A 111 9.75 -1.29 21.83
N ASP A 112 9.16 -2.34 21.25
CA ASP A 112 9.35 -2.59 19.82
C ASP A 112 8.41 -1.87 18.88
N THR A 113 7.49 -1.10 19.47
CA THR A 113 6.43 -0.43 18.71
C THR A 113 6.93 0.96 18.28
N ALA A 114 8.00 0.96 17.48
CA ALA A 114 8.74 2.16 17.09
C ALA A 114 8.44 2.59 15.65
N HIS A 115 7.55 1.86 15.01
CA HIS A 115 7.34 1.98 13.59
C HIS A 115 6.75 3.36 13.21
N GLY A 116 5.70 3.76 13.90
CA GLY A 116 5.01 5.01 13.62
C GLY A 116 5.87 6.23 13.90
N THR A 117 6.67 6.15 14.97
CA THR A 117 7.58 7.22 15.35
C THR A 117 8.69 7.35 14.31
N SER A 118 9.19 6.22 13.83
CA SER A 118 10.20 6.22 12.76
C SER A 118 9.65 6.81 11.46
N VAL A 119 8.44 6.37 11.09
CA VAL A 119 7.71 6.95 9.94
C VAL A 119 7.59 8.47 10.06
N SER A 120 7.15 8.92 11.24
CA SER A 120 6.92 10.33 11.48
C SER A 120 8.16 11.19 11.28
N GLY A 121 9.30 10.70 11.74
CA GLY A 121 10.55 11.43 11.59
C GLY A 121 11.01 11.59 10.16
N ILE A 122 10.79 10.55 9.34
CA ILE A 122 11.11 10.65 7.92
C ILE A 122 10.34 11.84 7.31
N ILE A 123 9.07 11.96 7.69
CA ILE A 123 8.26 13.06 7.18
C ILE A 123 8.67 14.42 7.72
N ALA A 124 8.78 14.52 9.05
CA ALA A 124 8.73 15.82 9.67
C ALA A 124 9.58 15.97 10.95
N ALA A 125 10.72 15.28 11.03
CA ALA A 125 11.65 15.58 12.12
C ALA A 125 11.98 17.08 12.06
N VAL A 126 12.03 17.68 13.25
CA VAL A 126 12.18 19.14 13.35
C VAL A 126 13.56 19.59 12.85
N ASP A 127 13.57 20.71 12.13
CA ASP A 127 14.80 21.32 11.67
C ASP A 127 15.38 22.19 12.80
N ASN A 128 16.40 21.67 13.46
CA ASN A 128 16.96 22.31 14.64
C ASN A 128 18.43 21.89 14.78
N ALA A 129 18.92 21.76 16.02
CA ALA A 129 20.33 21.39 16.23
C ALA A 129 20.50 19.98 16.79
N ILE A 130 19.42 19.19 16.76
CA ILE A 130 19.46 17.81 17.23
C ILE A 130 18.96 16.84 16.17
N GLY A 131 19.40 15.59 16.27
CA GLY A 131 18.82 14.51 15.48
C GLY A 131 18.89 14.69 13.98
N THR A 132 17.75 14.44 13.34
CA THR A 132 17.62 14.40 11.90
C THR A 132 16.85 15.60 11.37
N LYS A 133 16.75 15.70 10.06
CA LYS A 133 15.93 16.70 9.40
C LYS A 133 14.83 16.00 8.62
N GLY A 134 13.58 16.35 8.87
CA GLY A 134 12.49 15.78 8.08
C GLY A 134 12.57 16.17 6.61
N ILE A 135 11.94 15.35 5.76
CA ILE A 135 11.77 15.73 4.36
C ILE A 135 10.99 17.05 4.27
N ALA A 136 9.95 17.17 5.11
CA ALA A 136 9.06 18.31 5.15
C ALA A 136 9.02 18.77 6.61
N PRO A 137 10.12 19.40 7.08
CA PRO A 137 10.30 19.65 8.51
C PRO A 137 9.40 20.75 9.08
N ARG A 138 8.58 21.36 8.26
CA ARG A 138 7.59 22.31 8.77
C ARG A 138 6.15 21.77 8.69
N ALA A 139 6.00 20.54 8.22
CA ALA A 139 4.68 19.90 8.21
C ALA A 139 4.25 19.59 9.65
N GLN A 140 2.94 19.44 9.85
CA GLN A 140 2.38 19.17 11.18
C GLN A 140 1.80 17.76 11.24
N LEU A 141 2.08 17.06 12.33
CA LEU A 141 1.72 15.65 12.47
C LEU A 141 0.60 15.38 13.46
N GLN A 142 -0.23 14.40 13.14
CA GLN A 142 -1.06 13.71 14.11
C GLN A 142 -0.76 12.23 14.04
N GLY A 143 -0.93 11.52 15.16
CA GLY A 143 -0.76 10.07 15.18
C GLY A 143 -2.01 9.35 15.64
N PHE A 144 -2.30 8.21 15.00
CA PHE A 144 -3.44 7.38 15.36
C PHE A 144 -2.90 5.95 15.38
N ASN A 145 -2.88 5.35 16.57
CA ASN A 145 -2.17 4.09 16.76
C ASN A 145 -3.00 2.84 16.43
N LEU A 146 -3.57 2.84 15.22
CA LEU A 146 -4.39 1.73 14.74
C LEU A 146 -3.70 0.37 14.80
N LEU A 147 -2.37 0.37 14.68
CA LEU A 147 -1.58 -0.86 14.57
C LEU A 147 -0.92 -1.26 15.88
N ASP A 148 -1.27 -0.59 16.98
CA ASP A 148 -0.82 -1.02 18.31
C ASP A 148 -1.22 -2.49 18.49
N ASP A 149 -0.37 -3.26 19.15
CA ASP A 149 -0.64 -4.69 19.37
C ASP A 149 -2.01 -4.93 20.03
N ASN A 150 -2.47 -3.99 20.85
CA ASN A 150 -3.74 -4.12 21.54
C ASN A 150 -4.92 -3.44 20.85
N SER A 151 -4.68 -2.90 19.67
CA SER A 151 -5.77 -2.38 18.85
C SER A 151 -6.40 -3.51 18.05
N GLN A 152 -7.73 -3.57 18.08
CA GLN A 152 -8.49 -4.57 17.31
C GLN A 152 -8.75 -4.12 15.87
N GLN A 153 -8.20 -2.95 15.50
CA GLN A 153 -8.39 -2.39 14.16
C GLN A 153 -9.87 -2.29 13.80
N LEU A 154 -10.59 -1.62 14.69
CA LEU A 154 -12.03 -1.42 14.55
C LEU A 154 -12.36 -0.41 13.47
N GLN A 155 -13.44 -0.69 12.75
CA GLN A 155 -13.94 0.23 11.74
C GLN A 155 -14.09 1.66 12.26
N LYS A 156 -14.62 1.82 13.47
CA LYS A 156 -14.82 3.16 14.02
C LYS A 156 -13.48 3.90 14.14
N ASP A 157 -12.42 3.15 14.44
CA ASP A 157 -11.10 3.75 14.59
C ASP A 157 -10.43 4.05 13.24
N TRP A 158 -10.64 3.18 12.25
CA TRP A 158 -10.17 3.50 10.88
C TRP A 158 -10.81 4.79 10.39
N LEU A 159 -12.14 4.90 10.53
CA LEU A 159 -12.85 6.13 10.19
C LEU A 159 -12.27 7.34 10.91
N TYR A 160 -12.05 7.21 12.22
CA TYR A 160 -11.56 8.31 13.03
C TYR A 160 -10.22 8.85 12.51
N ALA A 161 -9.34 7.92 12.11
CA ALA A 161 -7.98 8.25 11.73
C ALA A 161 -7.83 8.72 10.29
N LEU A 162 -8.75 8.28 9.43
CA LEU A 162 -8.55 8.41 7.98
C LEU A 162 -9.44 9.51 7.36
N GLY A 163 -9.93 10.42 8.19
CA GLY A 163 -10.57 11.63 7.69
C GLY A 163 -12.03 11.82 8.02
N ASP A 164 -12.64 10.88 8.71
CA ASP A 164 -14.07 10.97 9.03
C ASP A 164 -14.36 11.81 10.26
N SER A 165 -13.38 11.96 11.16
CA SER A 165 -13.59 12.69 12.40
C SER A 165 -13.23 14.16 12.28
N ASN A 166 -13.72 14.97 13.21
CA ASN A 166 -13.32 16.37 13.25
C ASN A 166 -11.82 16.50 13.40
N ALA A 167 -11.22 15.56 14.13
CA ALA A 167 -9.79 15.62 14.40
C ALA A 167 -8.97 15.41 13.12
N SER A 168 -9.38 14.45 12.30
CA SER A 168 -8.53 14.06 11.16
C SER A 168 -8.97 14.58 9.79
N ARG A 169 -10.14 15.23 9.72
CA ARG A 169 -10.70 15.64 8.43
C ARG A 169 -9.83 16.65 7.69
N ASP A 170 -9.11 17.49 8.44
CA ASP A 170 -8.34 18.57 7.84
C ASP A 170 -6.87 18.26 7.61
N ASN A 171 -6.55 16.96 7.56
CA ASN A 171 -5.25 16.57 7.04
C ASN A 171 -5.27 16.60 5.52
N ARG A 172 -4.15 17.01 4.94
CA ARG A 172 -3.97 16.94 3.50
C ARG A 172 -3.15 15.74 3.04
N VAL A 173 -2.54 14.99 3.97
CA VAL A 173 -1.82 13.76 3.63
C VAL A 173 -2.17 12.72 4.67
N PHE A 174 -2.55 11.52 4.21
CA PHE A 174 -2.76 10.37 5.11
C PHE A 174 -1.72 9.33 4.81
N ASN A 175 -0.80 9.16 5.75
CA ASN A 175 0.29 8.20 5.58
C ASN A 175 -0.10 6.82 6.10
N GLN A 176 -0.11 5.83 5.22
CA GLN A 176 -0.49 4.47 5.55
C GLN A 176 0.64 3.49 5.27
N SER A 177 1.57 3.40 6.22
CA SER A 177 2.74 2.52 6.10
C SER A 177 2.39 1.09 6.51
N TYR A 178 1.29 0.57 5.94
CA TYR A 178 0.77 -0.73 6.32
C TYR A 178 0.07 -1.40 5.14
N GLY A 179 -0.22 -2.69 5.29
CA GLY A 179 -0.91 -3.44 4.26
C GLY A 179 -1.30 -4.81 4.75
N MET A 180 -1.99 -5.53 3.89
CA MET A 180 -2.49 -6.86 4.21
C MET A 180 -1.94 -7.89 3.23
N SER A 181 -1.16 -8.84 3.73
CA SER A 181 -0.71 -9.96 2.91
C SER A 181 -1.80 -11.03 2.93
N VAL A 182 -1.99 -11.69 1.78
CA VAL A 182 -3.07 -12.65 1.65
C VAL A 182 -2.59 -13.91 0.95
N VAL A 183 -3.21 -15.04 1.29
CA VAL A 183 -3.01 -16.28 0.55
C VAL A 183 -4.28 -16.73 -0.18
N ASP A 184 -5.38 -16.03 0.07
CA ASP A 184 -6.62 -16.25 -0.64
C ASP A 184 -7.15 -14.92 -1.14
N PRO A 185 -7.71 -14.91 -2.35
CA PRO A 185 -8.15 -13.66 -2.94
C PRO A 185 -9.33 -13.06 -2.19
N ARG A 186 -9.41 -11.74 -2.20
CA ARG A 186 -10.54 -11.07 -1.60
C ARG A 186 -11.28 -10.20 -2.58
N SER A 187 -12.59 -10.12 -2.42
CA SER A 187 -13.40 -9.10 -3.07
C SER A 187 -13.13 -7.73 -2.42
N ALA A 188 -13.22 -6.66 -3.20
CA ALA A 188 -13.05 -5.31 -2.63
C ALA A 188 -14.38 -4.65 -2.26
N ASN A 189 -15.46 -5.41 -2.44
CA ASN A 189 -16.82 -4.87 -2.32
C ASN A 189 -17.50 -5.00 -0.95
N SER A 190 -16.79 -5.52 0.04
CA SER A 190 -17.33 -5.61 1.40
C SER A 190 -17.67 -4.22 1.92
N LEU A 191 -18.62 -4.14 2.83
CA LEU A 191 -19.08 -2.84 3.33
C LEU A 191 -17.99 -2.04 4.03
N ASP A 192 -17.10 -2.71 4.76
CA ASP A 192 -16.02 -2.00 5.44
C ASP A 192 -15.13 -1.30 4.43
N GLN A 193 -14.83 -1.97 3.32
CA GLN A 193 -13.97 -1.42 2.29
C GLN A 193 -14.68 -0.34 1.48
N SER A 194 -15.95 -0.57 1.16
CA SER A 194 -16.76 0.43 0.45
C SER A 194 -16.84 1.73 1.26
N GLN A 195 -17.04 1.61 2.57
CA GLN A 195 -17.16 2.77 3.44
C GLN A 195 -15.85 3.58 3.43
N LEU A 196 -14.72 2.90 3.53
CA LEU A 196 -13.44 3.61 3.50
C LEU A 196 -13.14 4.19 2.11
N ASP A 197 -13.46 3.45 1.06
CA ASP A 197 -13.27 3.98 -0.30
C ASP A 197 -14.08 5.25 -0.51
N ARG A 198 -15.30 5.27 -0.01
CA ARG A 198 -16.16 6.45 -0.16
C ARG A 198 -15.59 7.63 0.62
N LEU A 199 -15.06 7.35 1.82
CA LEU A 199 -14.42 8.40 2.61
C LEU A 199 -13.19 8.95 1.87
N PHE A 200 -12.36 8.05 1.34
CA PHE A 200 -11.14 8.47 0.68
C PHE A 200 -11.49 9.31 -0.55
N GLU A 201 -12.55 8.93 -1.27
CA GLU A 201 -13.00 9.69 -2.43
C GLU A 201 -13.38 11.12 -2.03
N GLN A 202 -14.17 11.23 -0.96
CA GLN A 202 -14.63 12.55 -0.52
C GLN A 202 -13.46 13.42 -0.06
N GLN A 203 -12.52 12.79 0.64
CA GLN A 203 -11.36 13.49 1.15
C GLN A 203 -10.36 13.89 0.06
N THR A 204 -10.26 13.07 -0.98
CA THR A 204 -9.35 13.38 -2.08
C THR A 204 -9.89 14.51 -2.96
N LEU A 205 -11.17 14.43 -3.29
CA LEU A 205 -11.74 15.33 -4.30
C LEU A 205 -12.26 16.70 -3.82
N LYS A 206 -12.11 16.99 -2.55
CA LYS A 206 -12.61 18.28 -2.03
C LYS A 206 -11.59 19.39 -2.25
N ALA A 207 -11.98 20.63 -1.94
CA ALA A 207 -11.02 21.72 -1.85
C ALA A 207 -9.99 21.39 -0.77
N GLN A 208 -8.73 21.76 -1.03
CA GLN A 208 -7.61 21.39 -0.16
C GLN A 208 -7.60 19.86 -0.01
N GLY A 209 -7.65 19.17 -1.15
CA GLY A 209 -7.80 17.72 -1.17
C GLY A 209 -6.68 16.97 -0.47
N ALA A 210 -7.03 15.81 0.06
CA ALA A 210 -6.07 14.98 0.79
C ALA A 210 -5.51 13.85 -0.07
N ALA A 211 -4.20 13.68 0.01
CA ALA A 211 -3.51 12.59 -0.65
C ALA A 211 -3.30 11.41 0.28
N TYR A 212 -3.92 10.28 -0.04
CA TYR A 212 -3.67 9.02 0.66
C TYR A 212 -2.46 8.35 0.05
N ILE A 213 -1.48 8.01 0.89
CA ILE A 213 -0.24 7.36 0.47
C ILE A 213 -0.19 6.00 1.13
N LYS A 214 0.25 4.98 0.38
CA LYS A 214 0.03 3.60 0.78
C LYS A 214 1.23 2.71 0.45
N ALA A 215 1.71 1.96 1.45
CA ALA A 215 2.81 1.02 1.25
C ALA A 215 2.40 -0.13 0.34
N ALA A 216 3.25 -0.46 -0.63
CA ALA A 216 2.97 -1.60 -1.52
C ALA A 216 3.03 -2.96 -0.84
N GLY A 217 3.79 -3.03 0.25
CA GLY A 217 4.15 -4.33 0.85
C GLY A 217 5.62 -4.67 0.66
N ASN A 218 6.09 -5.59 1.49
CA ASN A 218 7.49 -6.05 1.50
C ASN A 218 7.56 -7.53 1.17
N GLY A 219 6.77 -7.96 0.19
CA GLY A 219 6.62 -9.38 -0.09
C GLY A 219 7.22 -9.87 -1.38
N PHE A 220 8.28 -9.22 -1.89
CA PHE A 220 8.91 -9.80 -3.08
C PHE A 220 9.29 -11.26 -2.87
N ASN A 221 9.76 -11.59 -1.67
CA ASN A 221 10.26 -12.92 -1.36
C ASN A 221 9.44 -13.68 -0.31
N LYS A 222 8.96 -12.97 0.70
CA LYS A 222 8.25 -13.62 1.80
C LYS A 222 7.10 -12.77 2.29
N ILE A 223 6.07 -13.45 2.79
CA ILE A 223 4.97 -12.78 3.46
C ILE A 223 4.76 -13.40 4.83
N ALA A 224 4.20 -12.59 5.73
CA ALA A 224 3.84 -13.04 7.06
C ALA A 224 2.35 -12.82 7.24
N ALA A 225 1.70 -13.82 7.82
CA ALA A 225 0.26 -13.80 8.00
C ALA A 225 -0.11 -14.73 9.14
N GLY A 226 -0.80 -14.17 10.14
CA GLY A 226 -1.31 -14.92 11.28
C GLY A 226 -0.30 -15.83 11.95
N GLY A 227 0.88 -15.30 12.24
CA GLY A 227 1.91 -16.04 12.95
C GLY A 227 2.68 -17.07 12.13
N TYR A 228 2.51 -17.04 10.81
CA TYR A 228 3.28 -17.87 9.88
C TYR A 228 4.03 -17.00 8.88
N VAL A 229 5.20 -17.47 8.45
CA VAL A 229 5.92 -16.85 7.35
C VAL A 229 5.98 -17.83 6.19
N LEU A 230 5.63 -17.36 5.00
CA LEU A 230 5.65 -18.17 3.78
C LEU A 230 6.61 -17.60 2.76
N ASN A 231 7.34 -18.50 2.09
CA ASN A 231 8.18 -18.13 0.95
C ASN A 231 8.31 -19.33 0.04
N ARG A 232 8.53 -19.08 -1.25
CA ARG A 232 8.75 -20.15 -2.21
C ARG A 232 10.14 -20.71 -2.03
N THR A 233 10.25 -22.03 -2.14
CA THR A 233 11.54 -22.67 -2.21
C THR A 233 11.73 -23.13 -3.65
N GLY A 234 12.98 -23.36 -4.04
CA GLY A 234 13.25 -23.83 -5.39
C GLY A 234 13.83 -22.74 -6.26
N ASN A 235 13.86 -23.01 -7.55
CA ASN A 235 14.50 -22.13 -8.51
C ASN A 235 13.53 -21.58 -9.56
N GLY A 236 12.41 -21.05 -9.09
CA GLY A 236 11.41 -20.44 -9.96
C GLY A 236 11.86 -19.08 -10.48
N PRO A 237 11.13 -18.55 -11.46
CA PRO A 237 11.41 -17.23 -12.00
C PRO A 237 11.31 -16.15 -10.94
N LYS A 238 12.08 -15.08 -11.12
CA LYS A 238 12.17 -14.02 -10.12
C LYS A 238 10.98 -13.05 -10.21
N LEU A 239 9.79 -13.60 -10.00
CA LEU A 239 8.56 -12.84 -9.92
C LEU A 239 8.22 -12.58 -8.45
N PRO A 240 7.57 -11.45 -8.15
CA PRO A 240 7.24 -11.19 -6.74
C PRO A 240 6.31 -12.25 -6.18
N PHE A 241 6.54 -12.63 -4.93
CA PHE A 241 5.59 -13.50 -4.25
C PHE A 241 4.32 -12.68 -3.99
N GLU A 242 4.47 -11.48 -3.44
CA GLU A 242 3.37 -10.55 -3.28
C GLU A 242 3.35 -9.53 -4.41
N ASN A 243 2.44 -9.72 -5.35
CA ASN A 243 2.09 -8.67 -6.27
C ASN A 243 1.28 -7.65 -5.49
N SER A 244 1.55 -6.36 -5.70
CA SER A 244 0.88 -5.29 -4.97
C SER A 244 -0.62 -5.10 -5.25
N ASN A 245 -1.14 -5.80 -6.26
CA ASN A 245 -2.58 -5.84 -6.51
C ASN A 245 -3.32 -6.87 -5.63
N LEU A 246 -2.60 -7.69 -4.86
CA LEU A 246 -3.29 -8.69 -4.04
C LEU A 246 -4.08 -8.10 -2.88
N ASP A 247 -3.55 -7.07 -2.24
CA ASP A 247 -4.25 -6.42 -1.14
C ASP A 247 -5.34 -5.53 -1.76
N PRO A 248 -6.62 -5.86 -1.52
CA PRO A 248 -7.72 -5.12 -2.17
C PRO A 248 -7.65 -3.58 -2.03
N SER A 249 -7.15 -3.08 -0.91
CA SER A 249 -7.08 -1.64 -0.71
C SER A 249 -6.13 -0.95 -1.69
N ASN A 250 -5.16 -1.71 -2.19
CA ASN A 250 -4.14 -1.11 -3.06
C ASN A 250 -4.63 -0.82 -4.47
N SER A 251 -5.85 -1.23 -4.80
CA SER A 251 -6.42 -0.96 -6.13
C SER A 251 -7.59 0.03 -6.08
N ASN A 252 -7.72 0.77 -4.98
CA ASN A 252 -8.86 1.66 -4.82
C ASN A 252 -8.73 3.03 -5.47
N PHE A 253 -7.63 3.25 -6.18
CA PHE A 253 -7.32 4.53 -6.86
C PHE A 253 -6.94 5.67 -5.93
N TRP A 254 -7.72 5.87 -4.86
CA TRP A 254 -7.47 6.96 -3.91
C TRP A 254 -6.12 6.78 -3.23
N ASN A 255 -5.68 5.54 -3.03
CA ASN A 255 -4.35 5.28 -2.52
C ASN A 255 -3.30 5.46 -3.60
N LEU A 256 -2.30 6.29 -3.30
CA LEU A 256 -1.09 6.37 -4.11
C LEU A 256 -0.15 5.30 -3.56
N VAL A 257 0.02 4.22 -4.30
CA VAL A 257 0.77 3.06 -3.81
C VAL A 257 2.25 3.16 -4.22
N VAL A 258 3.14 2.94 -3.25
CA VAL A 258 4.57 3.14 -3.49
C VAL A 258 5.43 1.92 -3.21
N SER A 259 6.39 1.70 -4.09
CA SER A 259 7.43 0.70 -3.87
C SER A 259 8.68 1.34 -3.25
N ALA A 260 9.57 0.50 -2.73
CA ALA A 260 10.76 0.98 -2.05
C ALA A 260 12.00 0.81 -2.90
N LEU A 261 12.85 1.83 -2.85
CA LEU A 261 14.15 1.87 -3.52
C LEU A 261 15.27 1.88 -2.49
N ASN A 262 16.37 1.20 -2.80
CA ASN A 262 17.54 1.22 -1.91
C ASN A 262 18.58 2.27 -2.31
N ALA A 263 19.62 2.40 -1.50
CA ALA A 263 20.65 3.40 -1.72
C ALA A 263 21.50 3.19 -2.98
N ASP A 264 21.42 1.98 -3.55
CA ASP A 264 22.10 1.68 -4.82
C ASP A 264 21.25 2.06 -6.03
N GLY A 265 20.05 2.56 -5.80
CA GLY A 265 19.18 2.99 -6.90
C GLY A 265 18.39 1.91 -7.59
N VAL A 266 18.23 0.77 -6.92
CA VAL A 266 17.37 -0.30 -7.45
C VAL A 266 16.32 -0.66 -6.41
N ARG A 267 15.32 -1.43 -6.84
CA ARG A 267 14.26 -1.89 -5.96
C ARG A 267 14.86 -2.52 -4.70
N SER A 268 14.38 -2.10 -3.53
CA SER A 268 14.77 -2.75 -2.30
C SER A 268 14.42 -4.22 -2.43
N SER A 269 15.32 -5.08 -1.93
CA SER A 269 15.20 -6.53 -2.07
C SER A 269 13.77 -7.04 -1.83
N TYR A 270 13.15 -6.54 -0.75
CA TYR A 270 11.87 -7.04 -0.26
C TYR A 270 10.63 -6.41 -0.92
N SER A 271 10.80 -5.36 -1.73
CA SER A 271 9.61 -4.57 -2.13
C SER A 271 8.62 -5.33 -3.00
N SER A 272 7.34 -5.26 -2.63
CA SER A 272 6.29 -5.71 -3.53
C SER A 272 6.24 -4.78 -4.73
N VAL A 273 5.71 -5.30 -5.85
CA VAL A 273 5.65 -4.56 -7.11
C VAL A 273 4.39 -4.96 -7.85
N GLY A 274 4.00 -4.17 -8.83
CA GLY A 274 2.80 -4.47 -9.62
C GLY A 274 2.33 -3.29 -10.43
N SER A 275 1.31 -3.52 -11.25
CA SER A 275 0.81 -2.49 -12.17
C SER A 275 0.18 -1.29 -11.46
N ASN A 276 -0.13 -1.48 -10.17
CA ASN A 276 -0.73 -0.41 -9.36
C ASN A 276 0.27 0.43 -8.57
N ILE A 277 1.56 0.17 -8.72
CA ILE A 277 2.59 1.06 -8.17
C ILE A 277 2.51 2.39 -8.92
N PHE A 278 2.51 3.50 -8.19
CA PHE A 278 2.52 4.82 -8.81
C PHE A 278 3.92 5.41 -8.89
N LEU A 279 4.67 5.26 -7.79
CA LEU A 279 6.03 5.81 -7.68
C LEU A 279 6.90 4.89 -6.85
N SER A 280 8.21 5.02 -7.06
CA SER A 280 9.23 4.48 -6.19
C SER A 280 9.72 5.58 -5.25
N ALA A 281 9.93 5.25 -3.99
CA ALA A 281 10.55 6.18 -3.06
C ALA A 281 11.51 5.43 -2.15
N THR A 282 12.29 6.20 -1.40
CA THR A 282 13.39 5.67 -0.59
C THR A 282 12.93 4.81 0.59
N GLY A 283 13.43 3.59 0.64
CA GLY A 283 13.18 2.70 1.77
C GLY A 283 14.41 1.95 2.27
N GLY A 284 15.45 1.81 1.44
CA GLY A 284 16.69 1.17 1.86
C GLY A 284 16.58 -0.33 2.04
N GLU A 285 17.56 -0.88 2.75
CA GLU A 285 17.64 -2.30 3.02
C GLU A 285 17.42 -2.51 4.50
N TYR A 286 18.48 -2.76 5.30
CA TYR A 286 18.30 -3.07 6.73
C TYR A 286 19.14 -2.23 7.68
N GLY A 287 20.10 -1.48 7.14
CA GLY A 287 20.91 -0.56 7.95
C GLY A 287 22.05 -1.26 8.63
N THR A 288 22.27 -2.52 8.28
CA THR A 288 23.29 -3.36 8.89
C THR A 288 24.45 -3.44 7.90
N ASP A 289 24.28 -4.22 6.85
CA ASP A 289 25.28 -4.32 5.79
C ASP A 289 25.23 -3.16 4.79
N THR A 290 24.04 -2.59 4.62
CA THR A 290 23.79 -1.54 3.62
C THR A 290 22.78 -0.53 4.20
N PRO A 291 22.63 0.66 3.58
CA PRO A 291 21.89 1.74 4.24
C PRO A 291 20.39 1.48 4.41
N ALA A 292 19.87 1.92 5.55
CA ALA A 292 18.43 2.07 5.73
C ALA A 292 18.14 3.54 6.11
N MET A 293 17.03 3.78 6.80
CA MET A 293 16.55 5.15 7.01
C MET A 293 16.89 5.63 8.42
N VAL A 294 17.78 6.60 8.50
CA VAL A 294 18.10 7.24 9.78
C VAL A 294 16.95 8.20 10.14
N THR A 295 16.39 8.00 11.32
CA THR A 295 15.16 8.69 11.69
C THR A 295 14.98 8.74 13.20
N THR A 296 13.86 9.30 13.64
CA THR A 296 13.50 9.37 15.04
C THR A 296 13.03 8.02 15.57
N ASP A 297 13.60 7.62 16.70
CA ASP A 297 13.24 6.39 17.40
C ASP A 297 12.35 6.72 18.58
N LEU A 298 11.75 5.70 19.20
CA LEU A 298 11.18 5.92 20.52
C LEU A 298 12.27 6.45 21.44
N PRO A 299 11.97 7.50 22.24
CA PRO A 299 13.05 8.10 23.03
C PRO A 299 13.59 7.19 24.13
N GLY A 300 14.89 7.31 24.41
CA GLY A 300 15.51 6.57 25.48
C GLY A 300 16.13 5.27 25.02
N CYS A 301 17.07 4.77 25.81
CA CYS A 301 17.74 3.53 25.47
C CYS A 301 16.97 2.31 25.99
N ASP A 302 15.78 2.54 26.54
CA ASP A 302 14.89 1.47 26.96
C ASP A 302 13.70 1.23 26.03
N MET A 303 13.57 2.06 24.99
CA MET A 303 12.45 1.97 24.05
C MET A 303 12.96 2.13 22.63
N GLY A 304 12.29 1.46 21.71
CA GLY A 304 12.50 1.71 20.28
C GLY A 304 13.42 0.72 19.61
N TYR A 305 13.69 0.96 18.33
CA TYR A 305 14.64 0.13 17.58
C TYR A 305 16.08 0.34 18.03
N ASN A 306 16.35 1.49 18.65
CA ASN A 306 17.64 1.78 19.26
C ASN A 306 17.43 1.69 20.77
N ARG A 307 17.72 0.50 21.31
CA ARG A 307 17.57 0.26 22.74
C ARG A 307 18.57 -0.81 23.18
N THR A 308 18.95 -0.76 24.45
CA THR A 308 20.06 -1.56 24.95
C THR A 308 19.87 -3.06 24.74
N ASP A 309 18.66 -3.56 24.92
CA ASP A 309 18.44 -5.01 24.83
C ASP A 309 18.16 -5.52 23.41
N ASP A 310 18.20 -4.62 22.43
CA ASP A 310 18.00 -5.03 21.04
C ASP A 310 19.12 -4.50 20.16
N PRO A 311 20.36 -5.00 20.36
CA PRO A 311 21.50 -4.43 19.66
C PRO A 311 21.39 -4.51 18.14
N SER A 312 22.09 -3.61 17.47
CA SER A 312 22.17 -3.57 16.03
C SER A 312 23.62 -3.35 15.61
N THR A 313 23.99 -3.89 14.46
CA THR A 313 25.29 -3.57 13.86
C THR A 313 25.31 -2.17 13.26
N ASN A 314 24.15 -1.52 13.13
CA ASN A 314 24.14 -0.12 12.75
C ASN A 314 24.89 0.72 13.79
N ARG A 315 25.86 1.51 13.35
CA ARG A 315 26.74 2.19 14.30
C ARG A 315 26.08 3.31 15.12
N LEU A 316 24.91 3.78 14.69
CA LEU A 316 24.22 4.81 15.43
C LEU A 316 23.64 4.27 16.75
N HIS A 317 23.39 2.97 16.80
CA HIS A 317 22.68 2.37 17.93
C HIS A 317 23.60 2.17 19.12
N GLY A 318 23.08 2.40 20.33
CA GLY A 318 23.84 2.25 21.57
C GLY A 318 25.17 2.97 21.51
N ASN A 319 25.12 4.19 20.98
CA ASN A 319 26.31 5.00 20.72
C ASN A 319 26.23 6.27 21.55
N SER A 320 27.01 6.32 22.63
CA SER A 320 26.97 7.45 23.57
C SER A 320 27.56 8.74 23.01
N GLN A 321 28.35 8.61 21.93
CA GLN A 321 28.98 9.77 21.29
C GLN A 321 28.00 10.47 20.34
N LEU A 322 27.26 9.67 19.57
CA LEU A 322 26.40 10.19 18.51
C LEU A 322 24.95 10.34 18.93
N ASP A 323 24.50 9.53 19.88
CA ASP A 323 23.08 9.51 20.26
C ASP A 323 22.94 8.92 21.66
N ALA A 324 23.33 9.71 22.65
CA ALA A 324 23.44 9.23 24.04
C ALA A 324 22.13 8.73 24.63
N SER A 325 21.02 9.38 24.27
CA SER A 325 19.72 8.96 24.77
C SER A 325 18.98 8.00 23.83
N CYS A 326 19.68 7.50 22.80
CA CYS A 326 19.08 6.55 21.85
C CYS A 326 17.76 7.04 21.28
N ASP A 327 17.73 8.31 20.87
CA ASP A 327 16.52 8.94 20.36
C ASP A 327 16.35 8.74 18.85
N TYR A 328 17.35 8.15 18.19
CA TYR A 328 17.35 7.97 16.72
C TYR A 328 17.72 6.54 16.40
N ASN A 329 17.31 6.06 15.23
CA ASN A 329 17.70 4.73 14.79
C ASN A 329 18.13 4.77 13.33
N GLY A 330 18.85 3.74 12.88
CA GLY A 330 19.33 3.67 11.50
C GLY A 330 18.81 2.46 10.76
N VAL A 331 17.77 1.82 11.30
CA VAL A 331 17.29 0.56 10.75
C VAL A 331 15.87 0.62 10.19
N MET A 332 15.22 1.77 10.29
CA MET A 332 13.88 1.90 9.70
C MET A 332 13.97 1.66 8.20
N ASN A 333 13.00 0.94 7.64
CA ASN A 333 13.09 0.52 6.26
C ASN A 333 11.70 0.20 5.70
N GLY A 334 11.66 -0.51 4.58
CA GLY A 334 10.43 -1.05 4.05
C GLY A 334 9.67 -0.12 3.14
N THR A 335 8.61 -0.66 2.54
CA THR A 335 7.66 0.22 1.89
C THR A 335 7.03 1.14 2.94
N ALA A 336 7.14 0.78 4.22
CA ALA A 336 6.72 1.70 5.30
C ALA A 336 7.60 2.93 5.42
N SER A 337 8.78 2.91 4.79
CA SER A 337 9.65 4.08 4.69
C SER A 337 9.46 4.81 3.35
N ALA A 338 9.19 4.06 2.29
CA ALA A 338 8.85 4.66 1.00
C ALA A 338 7.60 5.53 1.12
N THR A 339 6.67 5.07 1.95
CA THR A 339 5.41 5.76 2.15
C THR A 339 5.62 7.17 2.74
N PRO A 340 6.31 7.29 3.91
CA PRO A 340 6.55 8.65 4.43
C PRO A 340 7.51 9.47 3.56
N SER A 341 8.40 8.81 2.82
CA SER A 341 9.21 9.53 1.83
C SER A 341 8.32 10.25 0.81
N THR A 342 7.26 9.57 0.39
CA THR A 342 6.29 10.13 -0.54
C THR A 342 5.37 11.14 0.15
N SER A 343 4.94 10.85 1.37
CA SER A 343 4.14 11.81 2.17
C SER A 343 4.88 13.13 2.34
N GLY A 344 6.17 13.04 2.66
CA GLY A 344 7.01 14.22 2.78
C GLY A 344 7.15 14.97 1.47
N ALA A 345 7.38 14.25 0.38
CA ALA A 345 7.49 14.85 -0.96
C ALA A 345 6.19 15.59 -1.31
N MET A 346 5.06 14.93 -1.06
CA MET A 346 3.75 15.51 -1.27
C MET A 346 3.59 16.79 -0.44
N ALA A 347 4.00 16.74 0.82
CA ALA A 347 3.88 17.91 1.69
C ALA A 347 4.73 19.07 1.16
N LEU A 348 5.89 18.77 0.62
CA LEU A 348 6.73 19.82 0.01
C LEU A 348 5.99 20.49 -1.14
N LEU A 349 5.45 19.67 -2.04
CA LEU A 349 4.76 20.20 -3.20
C LEU A 349 3.54 21.02 -2.79
N MET A 350 2.76 20.48 -1.86
CA MET A 350 1.59 21.18 -1.37
C MET A 350 1.95 22.51 -0.74
N SER A 351 3.06 22.56 -0.02
CA SER A 351 3.45 23.81 0.64
C SER A 351 3.87 24.88 -0.36
N ALA A 352 4.48 24.45 -1.47
CA ALA A 352 4.93 25.34 -2.54
C ALA A 352 3.78 25.82 -3.42
N TYR A 353 2.79 24.96 -3.61
CA TYR A 353 1.68 25.21 -4.51
C TYR A 353 0.38 24.73 -3.87
N PRO A 354 -0.13 25.52 -2.90
CA PRO A 354 -1.24 25.06 -2.06
C PRO A 354 -2.58 24.94 -2.78
N ASP A 355 -2.68 25.46 -4.01
CA ASP A 355 -3.95 25.42 -4.75
C ASP A 355 -4.12 24.18 -5.60
N LEU A 356 -3.03 23.41 -5.78
CA LEU A 356 -3.08 22.22 -6.62
C LEU A 356 -3.82 21.06 -5.99
N SER A 357 -4.62 20.39 -6.81
CA SER A 357 -5.37 19.22 -6.39
C SER A 357 -4.44 18.02 -6.26
N VAL A 358 -4.94 16.98 -5.59
CA VAL A 358 -4.20 15.73 -5.48
C VAL A 358 -3.87 15.16 -6.86
N ARG A 359 -4.84 15.20 -7.77
CA ARG A 359 -4.58 14.71 -9.12
C ARG A 359 -3.53 15.53 -9.85
N ASP A 360 -3.52 16.85 -9.62
CA ASP A 360 -2.46 17.70 -10.17
C ASP A 360 -1.10 17.30 -9.64
N LEU A 361 -1.02 17.07 -8.32
CA LEU A 361 0.24 16.69 -7.70
C LEU A 361 0.74 15.33 -8.19
N ARG A 362 -0.20 14.38 -8.34
CA ARG A 362 0.13 13.09 -8.94
C ARG A 362 0.69 13.25 -10.35
N ASP A 363 0.08 14.12 -11.15
CA ASP A 363 0.52 14.37 -12.51
C ASP A 363 1.95 14.90 -12.53
N LEU A 364 2.23 15.85 -11.63
CA LEU A 364 3.56 16.44 -11.54
C LEU A 364 4.60 15.44 -11.07
N LEU A 365 4.28 14.65 -10.05
CA LEU A 365 5.19 13.61 -9.58
C LEU A 365 5.47 12.57 -10.65
N ALA A 366 4.43 12.14 -11.35
CA ALA A 366 4.59 11.14 -12.42
C ALA A 366 5.47 11.66 -13.55
N ARG A 367 5.23 12.89 -13.99
CA ARG A 367 5.91 13.41 -15.17
C ARG A 367 7.34 13.86 -14.87
N SER A 368 7.67 14.01 -13.59
CA SER A 368 9.01 14.42 -13.19
C SER A 368 9.87 13.29 -12.62
N ALA A 369 9.28 12.10 -12.44
CA ALA A 369 9.99 10.99 -11.80
C ALA A 369 11.17 10.48 -12.64
N THR A 370 12.17 9.97 -11.95
CA THR A 370 13.43 9.53 -12.57
C THR A 370 13.34 8.06 -12.96
N ARG A 371 13.72 7.77 -14.20
CA ARG A 371 13.72 6.39 -14.71
C ARG A 371 14.96 5.63 -14.23
N VAL A 372 14.99 5.31 -12.94
CA VAL A 372 16.09 4.56 -12.35
C VAL A 372 16.11 3.14 -12.89
N ASP A 373 17.27 2.50 -12.84
CA ASP A 373 17.40 1.09 -13.21
C ASP A 373 16.80 0.87 -14.60
N ALA A 374 17.24 1.69 -15.54
CA ALA A 374 16.56 1.83 -16.83
C ALA A 374 16.58 0.57 -17.68
N LYS A 375 17.56 -0.29 -17.44
CA LYS A 375 17.76 -1.46 -18.28
C LYS A 375 17.28 -2.76 -17.66
N HIS A 376 16.66 -2.71 -16.49
CA HIS A 376 16.28 -3.98 -15.85
C HIS A 376 15.36 -4.79 -16.77
N GLN A 377 15.57 -6.09 -16.79
CA GLN A 377 14.97 -6.94 -17.79
C GLN A 377 13.59 -7.42 -17.37
N PRO A 378 12.70 -7.68 -18.34
CA PRO A 378 11.46 -8.36 -17.97
C PRO A 378 11.77 -9.77 -17.43
N VAL A 379 10.86 -10.30 -16.62
CA VAL A 379 11.01 -11.64 -16.11
C VAL A 379 10.11 -12.58 -16.90
N MET A 380 10.73 -13.60 -17.50
CA MET A 380 10.03 -14.52 -18.39
C MET A 380 9.63 -15.80 -17.66
N VAL A 381 8.55 -16.41 -18.14
CA VAL A 381 8.06 -17.68 -17.63
C VAL A 381 8.06 -18.66 -18.78
N SER A 382 8.70 -19.81 -18.57
CA SER A 382 8.82 -20.85 -19.57
C SER A 382 7.92 -22.04 -19.22
N TYR A 383 7.21 -22.55 -20.22
CA TYR A 383 6.44 -23.78 -20.06
C TYR A 383 6.19 -24.43 -21.42
N THR A 384 5.72 -25.67 -21.37
CA THR A 384 5.38 -26.40 -22.58
C THR A 384 3.87 -26.63 -22.56
N SER A 385 3.21 -26.24 -23.65
CA SER A 385 1.76 -26.40 -23.78
C SER A 385 1.36 -27.86 -24.01
N SER A 386 0.05 -28.14 -24.03
CA SER A 386 -0.44 -29.51 -24.25
C SER A 386 -0.20 -30.01 -25.67
N THR A 387 0.09 -29.09 -26.60
CA THR A 387 0.44 -29.47 -27.97
C THR A 387 1.95 -29.55 -28.16
N GLY A 388 2.70 -29.37 -27.07
CA GLY A 388 4.15 -29.41 -27.12
C GLY A 388 4.80 -28.14 -27.67
N LYS A 389 4.04 -27.04 -27.70
CA LYS A 389 4.62 -25.74 -28.03
C LYS A 389 5.33 -25.18 -26.81
N VAL A 390 6.63 -24.90 -26.95
CA VAL A 390 7.43 -24.34 -25.86
C VAL A 390 7.26 -22.83 -25.89
N ARG A 391 6.73 -22.29 -24.79
CA ARG A 391 6.44 -20.87 -24.72
C ARG A 391 7.33 -20.15 -23.74
N ASP A 392 7.67 -18.92 -24.06
CA ASP A 392 8.39 -18.02 -23.17
C ASP A 392 7.57 -16.74 -23.11
N VAL A 393 6.89 -16.55 -21.99
CA VAL A 393 5.99 -15.40 -21.87
C VAL A 393 6.44 -14.45 -20.78
N LYS A 394 6.20 -13.16 -20.99
CA LYS A 394 6.54 -12.14 -20.01
C LYS A 394 5.63 -12.26 -18.79
N GLY A 395 6.24 -12.43 -17.62
CA GLY A 395 5.52 -12.54 -16.34
C GLY A 395 5.55 -11.24 -15.55
N LEU A 396 6.57 -10.41 -15.82
CA LEU A 396 6.68 -9.08 -15.24
C LEU A 396 7.50 -8.23 -16.18
N GLU A 397 7.02 -7.02 -16.47
CA GLU A 397 7.71 -6.13 -17.40
C GLU A 397 8.92 -5.46 -16.76
N GLY A 398 9.81 -4.98 -17.62
CA GLY A 398 10.79 -3.97 -17.25
C GLY A 398 10.16 -2.62 -17.55
N TRP A 399 10.98 -1.62 -17.86
CA TRP A 399 10.47 -0.31 -18.28
C TRP A 399 9.85 -0.38 -19.67
N GLU A 400 8.66 0.20 -19.79
CA GLU A 400 7.97 0.34 -21.07
C GLU A 400 7.34 1.73 -21.20
N ARG A 401 7.25 2.22 -22.42
CA ARG A 401 6.67 3.53 -22.67
C ARG A 401 5.29 3.37 -23.29
N ASN A 402 4.28 4.00 -22.70
CA ASN A 402 2.91 3.88 -23.22
C ASN A 402 2.67 4.77 -24.44
N ALA A 403 1.46 4.73 -24.99
CA ALA A 403 1.19 5.42 -26.25
C ALA A 403 1.14 6.94 -26.11
N ALA A 404 1.07 7.42 -24.88
CA ALA A 404 1.07 8.84 -24.58
C ALA A 404 2.47 9.31 -24.20
N GLY A 405 3.45 8.42 -24.27
CA GLY A 405 4.84 8.81 -24.04
C GLY A 405 5.32 8.67 -22.60
N MET A 406 4.46 8.12 -21.75
CA MET A 406 4.80 7.94 -20.33
C MET A 406 5.54 6.63 -20.11
N TRP A 407 6.70 6.72 -19.48
CA TRP A 407 7.47 5.55 -19.08
C TRP A 407 6.88 4.99 -17.79
N PHE A 408 6.76 3.67 -17.73
CA PHE A 408 6.18 3.02 -16.56
C PHE A 408 6.78 1.64 -16.38
N SER A 409 6.97 1.24 -15.12
CA SER A 409 7.32 -0.13 -14.80
C SER A 409 6.55 -0.58 -13.55
N PRO A 410 6.22 -1.87 -13.46
CA PRO A 410 5.56 -2.32 -12.23
C PRO A 410 6.49 -2.25 -11.01
N THR A 411 7.80 -2.25 -11.23
CA THR A 411 8.74 -2.15 -10.11
C THR A 411 8.81 -0.72 -9.54
N TYR A 412 8.92 0.27 -10.41
CA TYR A 412 9.18 1.65 -9.98
C TYR A 412 8.02 2.61 -10.23
N GLY A 413 6.90 2.09 -10.76
CA GLY A 413 5.82 2.96 -11.20
C GLY A 413 6.34 3.89 -12.30
N PHE A 414 6.02 5.17 -12.17
CA PHE A 414 6.53 6.19 -13.08
C PHE A 414 7.99 6.55 -12.81
N GLY A 415 8.53 6.05 -11.70
CA GLY A 415 9.93 6.24 -11.37
C GLY A 415 10.17 6.74 -9.96
N LEU A 416 11.44 7.04 -9.68
CA LEU A 416 11.83 7.56 -8.38
C LEU A 416 11.47 9.03 -8.27
N ILE A 417 10.83 9.38 -7.16
CA ILE A 417 10.48 10.78 -6.88
C ILE A 417 11.65 11.73 -7.12
N ASP A 418 11.38 12.83 -7.82
CA ASP A 418 12.35 13.90 -8.03
C ASP A 418 11.63 15.17 -7.62
N VAL A 419 11.81 15.59 -6.38
CA VAL A 419 11.06 16.74 -5.85
C VAL A 419 11.42 18.03 -6.58
N ASN A 420 12.71 18.24 -6.84
CA ASN A 420 13.14 19.46 -7.51
C ASN A 420 12.49 19.60 -8.88
N LYS A 421 12.45 18.51 -9.65
CA LYS A 421 11.87 18.55 -10.99
C LYS A 421 10.36 18.70 -10.93
N ALA A 422 9.72 18.06 -9.94
CA ALA A 422 8.28 18.25 -9.74
C ALA A 422 7.97 19.71 -9.49
N LEU A 423 8.81 20.37 -8.68
CA LEU A 423 8.64 21.80 -8.42
C LEU A 423 8.88 22.68 -9.64
N GLU A 424 9.85 22.30 -10.47
CA GLU A 424 10.07 23.00 -11.74
C GLU A 424 8.84 22.92 -12.63
N LEU A 425 8.25 21.73 -12.71
CA LEU A 425 7.07 21.56 -13.55
C LEU A 425 5.86 22.27 -12.94
N ALA A 426 5.79 22.29 -11.61
CA ALA A 426 4.65 22.88 -10.92
C ALA A 426 4.47 24.37 -11.20
N ALA A 427 5.59 25.07 -11.41
CA ALA A 427 5.59 26.51 -11.65
C ALA A 427 4.80 26.86 -12.89
N ASN A 428 4.69 25.91 -13.82
CA ASN A 428 4.00 26.14 -15.09
C ASN A 428 2.80 25.22 -15.30
N HIS A 429 2.38 24.55 -14.24
CA HIS A 429 1.31 23.57 -14.35
C HIS A 429 -0.04 24.24 -14.53
N GLN A 430 -0.82 23.70 -15.46
CA GLN A 430 -2.22 24.10 -15.58
C GLN A 430 -3.10 22.97 -15.05
N PRO A 431 -4.13 23.32 -14.26
CA PRO A 431 -4.94 22.33 -13.57
C PRO A 431 -5.61 21.31 -14.50
N LEU A 432 -5.57 20.05 -14.10
CA LEU A 432 -6.36 19.00 -14.75
C LEU A 432 -7.86 19.29 -14.61
N PRO A 433 -8.65 18.93 -15.63
CA PRO A 433 -10.11 19.02 -15.52
C PRO A 433 -10.64 18.01 -14.49
N PRO A 434 -11.94 18.08 -14.14
CA PRO A 434 -12.46 17.20 -13.09
C PRO A 434 -12.34 15.71 -13.42
N LEU A 435 -12.18 14.91 -12.38
CA LEU A 435 -12.14 13.46 -12.54
C LEU A 435 -13.48 12.95 -13.06
N VAL A 436 -13.41 12.09 -14.08
CA VAL A 436 -14.55 11.34 -14.57
C VAL A 436 -14.30 9.88 -14.24
N GLN A 437 -15.27 9.28 -13.56
CA GLN A 437 -15.24 7.84 -13.26
C GLN A 437 -16.32 7.20 -14.12
N LEU A 438 -15.90 6.53 -15.18
CA LEU A 438 -16.86 5.92 -16.09
C LEU A 438 -17.60 4.80 -15.38
N PRO A 439 -18.87 4.57 -15.74
CA PRO A 439 -19.59 3.45 -15.14
C PRO A 439 -18.84 2.13 -15.40
N TRP A 440 -18.85 1.25 -14.41
CA TRP A 440 -18.34 -0.11 -14.58
C TRP A 440 -19.05 -0.74 -15.78
N GLN A 441 -18.27 -1.40 -16.63
CA GLN A 441 -18.79 -2.21 -17.71
C GLN A 441 -18.48 -3.66 -17.40
N LYS A 442 -19.54 -4.45 -17.23
CA LYS A 442 -19.41 -5.86 -16.89
C LYS A 442 -19.56 -6.74 -18.12
N ILE A 443 -18.67 -7.71 -18.23
CA ILE A 443 -18.68 -8.66 -19.33
C ILE A 443 -18.80 -10.06 -18.74
N ASN A 444 -19.98 -10.67 -18.90
CA ASN A 444 -20.15 -12.07 -18.52
C ASN A 444 -19.69 -12.95 -19.67
N VAL A 445 -18.88 -13.95 -19.35
CA VAL A 445 -18.22 -14.78 -20.36
C VAL A 445 -18.91 -16.15 -20.36
N THR A 446 -19.19 -16.65 -21.56
CA THR A 446 -19.95 -17.89 -21.72
C THR A 446 -19.35 -18.79 -22.80
N GLY A 447 -19.72 -20.07 -22.75
CA GLY A 447 -19.33 -21.01 -23.79
C GLY A 447 -17.86 -21.38 -23.83
N SER A 448 -17.43 -21.87 -24.98
CA SER A 448 -16.07 -22.42 -25.15
C SER A 448 -14.95 -21.40 -24.94
N ALA A 449 -15.22 -20.13 -25.21
CA ALA A 449 -14.22 -19.06 -25.07
C ALA A 449 -13.89 -18.79 -23.60
N ALA A 450 -14.72 -19.33 -22.69
CA ALA A 450 -14.51 -19.17 -21.25
C ALA A 450 -13.39 -20.03 -20.69
N ALA A 451 -13.07 -21.13 -21.38
CA ALA A 451 -12.11 -22.10 -20.88
C ALA A 451 -10.71 -21.52 -20.68
N ILE A 452 -10.11 -21.86 -19.54
CA ILE A 452 -8.70 -21.57 -19.30
C ILE A 452 -7.98 -22.92 -19.22
N ALA A 453 -7.42 -23.35 -20.34
CA ALA A 453 -6.73 -24.63 -20.39
C ALA A 453 -5.46 -24.60 -19.54
N ASP A 454 -5.10 -25.75 -18.99
CA ASP A 454 -3.80 -25.90 -18.35
C ASP A 454 -2.73 -25.59 -19.40
N VAL A 455 -1.64 -24.93 -18.98
CA VAL A 455 -0.52 -24.59 -19.88
C VAL A 455 -1.00 -24.17 -21.28
N GLY A 456 -1.76 -23.08 -21.32
CA GLY A 456 -2.49 -22.71 -22.54
C GLY A 456 -1.60 -22.34 -23.70
N ASN A 457 -2.07 -22.65 -24.91
CA ASN A 457 -1.38 -22.23 -26.12
C ASN A 457 -1.44 -20.73 -26.36
N SER A 458 -2.49 -20.10 -25.84
CA SER A 458 -2.71 -18.68 -25.96
C SER A 458 -3.62 -18.26 -24.82
N PRO A 459 -3.70 -16.96 -24.54
CA PRO A 459 -4.57 -16.51 -23.45
C PRO A 459 -6.05 -16.72 -23.72
N THR A 460 -6.78 -16.92 -22.64
CA THR A 460 -8.23 -16.81 -22.64
C THR A 460 -8.50 -15.31 -22.65
N SER A 461 -9.26 -14.84 -23.63
CA SER A 461 -9.40 -13.41 -23.86
C SER A 461 -10.84 -12.97 -23.88
N SER A 462 -11.06 -11.75 -23.42
CA SER A 462 -12.37 -11.13 -23.46
C SER A 462 -12.20 -9.63 -23.67
N THR A 463 -13.03 -9.07 -24.55
CA THR A 463 -12.89 -7.69 -24.98
C THR A 463 -14.18 -6.89 -24.76
N THR A 464 -14.01 -5.62 -24.39
CA THR A 464 -15.12 -4.67 -24.28
C THR A 464 -14.72 -3.35 -24.92
N ARG A 465 -15.70 -2.62 -25.44
CA ARG A 465 -15.45 -1.31 -26.01
C ARG A 465 -15.83 -0.20 -25.04
N ILE A 466 -14.93 0.76 -24.87
CA ILE A 466 -15.25 1.99 -24.17
C ILE A 466 -15.55 3.06 -25.23
N ALA A 467 -16.77 3.60 -25.21
CA ALA A 467 -17.20 4.54 -26.26
C ALA A 467 -16.76 5.97 -26.00
N THR A 468 -16.66 6.32 -24.72
CA THR A 468 -16.45 7.70 -24.28
C THR A 468 -15.03 8.15 -24.60
N PRO A 469 -14.89 9.32 -25.26
CA PRO A 469 -13.57 9.89 -25.33
C PRO A 469 -13.18 10.32 -23.92
N LEU A 470 -12.07 9.78 -23.45
CA LEU A 470 -11.52 10.18 -22.15
C LEU A 470 -10.03 9.96 -22.16
N THR A 471 -9.30 10.85 -21.50
CA THR A 471 -7.88 10.64 -21.25
C THR A 471 -7.78 9.84 -19.97
N VAL A 472 -7.09 8.70 -20.05
CA VAL A 472 -6.98 7.78 -18.93
C VAL A 472 -6.03 8.29 -17.85
N GLU A 473 -6.43 8.11 -16.60
CA GLU A 473 -5.49 8.21 -15.50
C GLU A 473 -5.19 6.81 -14.99
N ALA A 474 -6.23 6.09 -14.55
CA ALA A 474 -6.05 4.74 -14.08
C ALA A 474 -7.20 3.88 -14.57
N VAL A 475 -6.96 2.58 -14.61
CA VAL A 475 -8.03 1.62 -14.87
C VAL A 475 -8.14 0.62 -13.74
N GLN A 476 -9.38 0.30 -13.37
CA GLN A 476 -9.67 -0.77 -12.44
C GLN A 476 -10.35 -1.90 -13.18
N VAL A 477 -10.01 -3.12 -12.77
CA VAL A 477 -10.63 -4.32 -13.31
C VAL A 477 -11.06 -5.20 -12.14
N MET A 478 -12.25 -5.79 -12.24
CA MET A 478 -12.63 -6.87 -11.34
C MET A 478 -12.70 -8.14 -12.16
N VAL A 479 -12.22 -9.24 -11.59
CA VAL A 479 -12.22 -10.54 -12.29
C VAL A 479 -12.87 -11.63 -11.44
N SER A 480 -13.69 -12.44 -12.10
CA SER A 480 -14.25 -13.64 -11.49
C SER A 480 -13.92 -14.83 -12.39
N LEU A 481 -13.37 -15.87 -11.80
CA LEU A 481 -12.99 -17.08 -12.52
C LEU A 481 -12.89 -18.25 -11.56
N ASP A 482 -12.98 -19.46 -12.11
CA ASP A 482 -12.67 -20.68 -11.37
C ASP A 482 -11.36 -21.26 -11.87
N HIS A 483 -10.49 -21.65 -10.93
CA HIS A 483 -9.24 -22.32 -11.25
C HIS A 483 -8.67 -22.92 -9.98
N GLN A 484 -8.22 -24.17 -10.09
CA GLN A 484 -7.80 -24.95 -8.93
C GLN A 484 -6.40 -24.63 -8.38
N ARG A 485 -5.59 -23.90 -9.14
CA ARG A 485 -4.27 -23.46 -8.67
C ARG A 485 -3.98 -22.02 -9.10
N LEU A 486 -4.56 -21.09 -8.35
CA LEU A 486 -4.57 -19.68 -8.74
C LEU A 486 -3.24 -19.07 -9.17
N PRO A 487 -2.12 -19.40 -8.48
CA PRO A 487 -0.86 -18.77 -8.89
C PRO A 487 -0.35 -19.18 -10.27
N ASP A 488 -1.01 -20.15 -10.93
CA ASP A 488 -0.69 -20.45 -12.32
C ASP A 488 -1.09 -19.34 -13.28
N LEU A 489 -1.93 -18.42 -12.83
CA LEU A 489 -2.55 -17.46 -13.73
C LEU A 489 -1.79 -16.15 -13.92
N LEU A 490 -1.61 -15.82 -15.19
CA LEU A 490 -1.10 -14.54 -15.64
C LEU A 490 -2.29 -13.74 -16.17
N ILE A 491 -2.54 -12.57 -15.59
CA ILE A 491 -3.66 -11.73 -15.98
C ILE A 491 -3.13 -10.41 -16.53
N GLU A 492 -3.50 -10.09 -17.76
CA GLU A 492 -2.97 -8.94 -18.48
C GLU A 492 -4.11 -8.16 -19.14
N LEU A 493 -3.91 -6.86 -19.28
CA LEU A 493 -4.90 -5.97 -19.89
C LEU A 493 -4.27 -5.21 -21.05
N VAL A 494 -5.02 -5.09 -22.15
CA VAL A 494 -4.53 -4.42 -23.37
C VAL A 494 -5.46 -3.25 -23.71
N SER A 495 -4.88 -2.08 -23.92
CA SER A 495 -5.65 -0.87 -24.24
C SER A 495 -5.93 -0.76 -25.74
N PRO A 496 -6.81 0.16 -26.14
CA PRO A 496 -7.07 0.39 -27.57
C PRO A 496 -5.81 0.69 -28.38
N ALA A 497 -4.81 1.32 -27.76
CA ALA A 497 -3.54 1.61 -28.42
C ALA A 497 -2.63 0.38 -28.58
N GLY A 498 -3.01 -0.72 -27.94
CA GLY A 498 -2.23 -1.95 -27.98
C GLY A 498 -1.26 -2.05 -26.82
N THR A 499 -1.26 -1.04 -25.95
CA THR A 499 -0.42 -1.07 -24.75
C THR A 499 -0.84 -2.19 -23.80
N ARG A 500 0.14 -2.87 -23.21
CA ARG A 500 -0.17 -4.00 -22.34
C ARG A 500 0.25 -3.73 -20.91
N SER A 501 -0.48 -4.31 -19.96
CA SER A 501 -0.14 -4.18 -18.53
C SER A 501 -0.47 -5.49 -17.83
N ILE A 502 0.53 -6.09 -17.18
CA ILE A 502 0.30 -7.29 -16.39
C ILE A 502 -0.32 -6.88 -15.06
N LEU A 503 -1.58 -7.25 -14.87
CA LEU A 503 -2.34 -6.91 -13.65
C LEU A 503 -2.01 -7.85 -12.51
N LEU A 504 -1.82 -9.12 -12.84
CA LEU A 504 -1.41 -10.09 -11.86
C LEU A 504 -0.37 -11.01 -12.47
N SER A 505 0.83 -10.95 -11.92
CA SER A 505 1.92 -11.80 -12.30
C SER A 505 1.74 -13.18 -11.65
N PRO A 506 2.17 -14.25 -12.33
CA PRO A 506 1.97 -15.59 -11.79
C PRO A 506 2.95 -15.92 -10.65
N PHE A 507 2.68 -17.03 -9.96
CA PHE A 507 3.56 -17.55 -8.90
C PHE A 507 3.56 -16.61 -7.70
N ASN A 508 2.45 -15.90 -7.56
CA ASN A 508 2.19 -15.05 -6.42
C ASN A 508 1.79 -15.86 -5.19
N SER A 509 1.42 -15.17 -4.13
CA SER A 509 1.17 -15.79 -2.83
C SER A 509 -0.24 -16.34 -2.63
N LEU A 510 -1.05 -16.39 -3.68
CA LEU A 510 -2.40 -16.97 -3.57
C LEU A 510 -2.38 -18.50 -3.51
N VAL A 511 -1.64 -19.00 -2.52
CA VAL A 511 -1.43 -20.45 -2.34
C VAL A 511 -2.44 -21.09 -1.37
N GLY A 512 -3.46 -20.32 -1.00
CA GLY A 512 -4.45 -20.74 -0.01
C GLY A 512 -5.24 -21.98 -0.35
N GLN A 513 -5.38 -22.29 -1.63
CA GLN A 513 -6.09 -23.51 -2.02
C GLN A 513 -5.31 -24.74 -1.60
N SER A 514 -3.98 -24.69 -1.78
CA SER A 514 -3.09 -25.76 -1.34
C SER A 514 -3.03 -25.83 0.18
N LEU A 515 -2.98 -24.68 0.84
CA LEU A 515 -2.93 -24.63 2.29
C LEU A 515 -4.20 -25.24 2.89
N ASP A 516 -5.35 -24.88 2.33
CA ASP A 516 -6.63 -25.42 2.75
C ASP A 516 -6.68 -26.93 2.62
N GLN A 517 -6.21 -27.45 1.48
CA GLN A 517 -6.19 -28.89 1.24
C GLN A 517 -5.32 -29.62 2.27
N GLN A 518 -4.13 -29.09 2.54
CA GLN A 518 -3.22 -29.66 3.54
C GLN A 518 -3.77 -29.59 4.96
N GLN A 519 -4.24 -28.41 5.36
CA GLN A 519 -4.65 -28.16 6.75
C GLN A 519 -6.05 -28.68 7.08
N LEU A 520 -6.95 -28.62 6.10
CA LEU A 520 -8.38 -28.83 6.35
C LEU A 520 -8.96 -30.06 5.64
N GLY A 521 -8.38 -30.41 4.49
CA GLY A 521 -8.87 -31.52 3.67
C GLY A 521 -9.94 -31.13 2.66
N PHE A 522 -10.21 -29.84 2.56
CA PHE A 522 -11.13 -29.29 1.57
C PHE A 522 -10.70 -27.88 1.19
N VAL A 523 -11.18 -27.39 0.05
CA VAL A 523 -10.76 -26.09 -0.49
C VAL A 523 -11.93 -25.10 -0.47
N ARG A 524 -11.73 -24.00 0.23
CA ARG A 524 -12.75 -22.94 0.31
C ARG A 524 -12.77 -22.06 -0.95
N THR A 525 -11.60 -21.83 -1.53
CA THR A 525 -11.45 -20.93 -2.67
C THR A 525 -11.59 -21.65 -4.01
N LYS A 526 -12.66 -21.31 -4.74
CA LYS A 526 -12.95 -21.87 -6.05
C LYS A 526 -12.15 -21.14 -7.13
N GLY A 527 -11.79 -19.89 -6.81
CA GLY A 527 -11.10 -19.03 -7.75
C GLY A 527 -11.20 -17.59 -7.31
N LEU A 528 -11.36 -16.70 -8.28
CA LEU A 528 -11.48 -15.27 -8.00
C LEU A 528 -12.95 -14.88 -8.04
N ARG A 529 -13.34 -14.01 -7.12
CA ARG A 529 -14.71 -13.49 -7.08
C ARG A 529 -14.62 -11.97 -6.91
N ASP A 530 -14.83 -11.25 -8.00
CA ASP A 530 -14.70 -9.78 -8.02
C ASP A 530 -13.37 -9.32 -7.41
N MET A 531 -12.29 -10.02 -7.75
CA MET A 531 -10.98 -9.57 -7.30
C MET A 531 -10.59 -8.33 -8.08
N ARG A 532 -10.25 -7.27 -7.36
CA ARG A 532 -9.96 -5.98 -7.99
C ARG A 532 -8.46 -5.79 -8.21
N MET A 533 -8.14 -5.22 -9.37
CA MET A 533 -6.75 -4.85 -9.70
C MET A 533 -6.77 -3.47 -10.35
N LEU A 534 -5.67 -2.74 -10.20
CA LEU A 534 -5.55 -1.43 -10.83
C LEU A 534 -4.26 -1.37 -11.68
N SER A 535 -4.31 -0.66 -12.78
CA SER A 535 -3.09 -0.36 -13.53
C SER A 535 -2.93 1.13 -13.77
N ASN A 536 -1.70 1.59 -13.60
CA ASN A 536 -1.30 2.95 -13.92
C ASN A 536 -0.63 3.07 -15.29
N LYS A 537 -0.42 1.93 -15.95
CA LYS A 537 0.35 1.88 -17.20
C LYS A 537 -0.19 2.76 -18.32
N PHE A 538 -1.49 3.02 -18.29
CA PHE A 538 -2.17 3.66 -19.42
C PHE A 538 -2.33 5.17 -19.27
N TYR A 539 -1.66 5.73 -18.27
CA TYR A 539 -1.78 7.16 -17.96
C TYR A 539 -1.54 8.03 -19.17
N GLY A 540 -2.54 8.84 -19.52
CA GLY A 540 -2.42 9.79 -20.61
C GLY A 540 -3.00 9.31 -21.93
N GLU A 541 -3.23 8.00 -22.07
CA GLU A 541 -3.79 7.43 -23.30
C GLU A 541 -5.27 7.76 -23.47
N SER A 542 -5.76 7.66 -24.70
CA SER A 542 -7.18 7.76 -24.97
C SER A 542 -7.87 6.45 -24.59
N ALA A 543 -9.00 6.56 -23.91
CA ALA A 543 -9.76 5.40 -23.47
C ALA A 543 -10.62 4.76 -24.56
N GLN A 544 -10.87 5.50 -25.64
CA GLN A 544 -11.87 5.09 -26.64
C GLN A 544 -11.39 3.93 -27.47
N GLY A 545 -12.22 2.89 -27.53
CA GLY A 545 -11.89 1.70 -28.29
C GLY A 545 -11.96 0.46 -27.44
N THR A 546 -11.37 -0.62 -27.95
CA THR A 546 -11.47 -1.90 -27.31
C THR A 546 -10.36 -2.17 -26.30
N TRP A 547 -10.77 -2.68 -25.13
CA TRP A 547 -9.88 -3.12 -24.07
C TRP A 547 -10.01 -4.64 -23.92
N ARG A 548 -8.89 -5.33 -23.81
CA ARG A 548 -8.92 -6.79 -23.76
C ARG A 548 -8.25 -7.35 -22.50
N LEU A 549 -8.97 -8.21 -21.81
CA LEU A 549 -8.41 -8.96 -20.69
C LEU A 549 -7.88 -10.29 -21.19
N GLU A 550 -6.69 -10.66 -20.73
CA GLU A 550 -6.08 -11.93 -21.13
C GLU A 550 -5.72 -12.69 -19.88
N VAL A 551 -6.09 -13.98 -19.81
CA VAL A 551 -5.77 -14.84 -18.68
C VAL A 551 -5.17 -16.13 -19.22
N THR A 552 -4.00 -16.51 -18.72
CA THR A 552 -3.33 -17.74 -19.17
C THR A 552 -2.85 -18.54 -17.96
N ASP A 553 -3.05 -19.86 -18.01
CA ASP A 553 -2.42 -20.77 -17.06
C ASP A 553 -1.04 -21.12 -17.63
N VAL A 554 0.01 -20.74 -16.91
CA VAL A 554 1.36 -20.80 -17.44
C VAL A 554 2.27 -21.81 -16.71
N ALA A 555 1.67 -22.80 -16.06
CA ALA A 555 2.47 -23.80 -15.35
C ALA A 555 1.74 -25.10 -15.10
N ASN A 556 2.44 -26.21 -15.31
CA ASN A 556 1.93 -27.51 -14.88
C ASN A 556 2.86 -28.26 -13.94
N GLY A 557 4.02 -27.67 -13.64
CA GLY A 557 4.97 -28.29 -12.72
C GLY A 557 4.53 -28.08 -11.27
N THR A 558 4.93 -29.00 -10.39
CA THR A 558 4.69 -28.81 -8.96
C THR A 558 5.57 -27.67 -8.42
N ARG A 559 5.10 -27.03 -7.36
CA ARG A 559 5.88 -26.03 -6.66
C ARG A 559 5.81 -26.30 -5.18
N GLN A 560 6.84 -25.88 -4.46
CA GLN A 560 6.84 -26.00 -3.02
C GLN A 560 7.01 -24.66 -2.33
N VAL A 561 6.35 -24.54 -1.18
CA VAL A 561 6.36 -23.32 -0.40
C VAL A 561 6.73 -23.70 1.03
N SER A 562 7.66 -22.96 1.60
CA SER A 562 8.10 -23.16 2.97
C SER A 562 7.17 -22.39 3.91
N LEU A 563 6.65 -23.10 4.91
CA LEU A 563 5.78 -22.53 5.93
C LEU A 563 6.51 -22.54 7.28
N LEU A 564 6.69 -21.37 7.87
CA LEU A 564 7.32 -21.24 9.19
C LEU A 564 6.29 -20.86 10.23
N ASN A 565 6.11 -21.71 11.24
CA ASN A 565 5.36 -21.34 12.42
C ASN A 565 6.26 -20.47 13.30
N ARG A 566 5.93 -19.19 13.45
CA ARG A 566 6.85 -18.24 14.09
C ARG A 566 7.05 -18.51 15.58
N GLU A 567 6.01 -19.06 16.22
CA GLU A 567 6.03 -19.39 17.64
C GLU A 567 6.82 -20.66 17.94
N THR A 568 6.52 -21.75 17.23
CA THR A 568 7.15 -23.05 17.52
C THR A 568 8.46 -23.24 16.76
N ARG A 569 8.64 -22.46 15.69
CA ARG A 569 9.77 -22.56 14.76
C ARG A 569 9.67 -23.76 13.81
N GLU A 570 8.56 -24.49 13.88
CA GLU A 570 8.35 -25.64 12.99
C GLU A 570 8.22 -25.19 11.54
N ARG A 571 9.00 -25.82 10.67
CA ARG A 571 8.87 -25.58 9.25
C ARG A 571 8.18 -26.75 8.54
N THR A 572 7.16 -26.40 7.76
CA THR A 572 6.38 -27.35 6.97
C THR A 572 6.64 -27.04 5.49
N THR A 573 6.47 -28.04 4.64
CA THR A 573 6.44 -27.79 3.20
C THR A 573 5.01 -27.90 2.68
N LEU A 574 4.61 -26.92 1.89
CA LEU A 574 3.33 -26.94 1.22
C LEU A 574 3.61 -27.21 -0.25
N THR A 575 2.93 -28.20 -0.81
CA THR A 575 3.06 -28.51 -2.23
C THR A 575 1.83 -28.00 -2.96
N GLU A 576 2.09 -27.23 -4.02
CA GLU A 576 1.02 -26.79 -4.91
C GLU A 576 0.89 -27.80 -6.02
N ARG A 577 -0.21 -28.53 -6.02
CA ARG A 577 -0.48 -29.53 -7.05
C ARG A 577 -1.15 -28.87 -8.24
N ASN A 578 -0.71 -29.20 -9.44
CA ASN A 578 -1.31 -28.65 -10.64
C ASN A 578 -2.81 -28.88 -10.73
N ASN A 579 -3.54 -27.92 -11.28
CA ASN A 579 -4.97 -28.10 -11.53
C ASN A 579 -5.22 -29.32 -12.41
N ARG A 580 -6.14 -30.18 -11.98
CA ARG A 580 -6.51 -31.38 -12.71
C ARG A 580 -7.45 -31.07 -13.89
N GLN A 581 -8.22 -29.99 -13.75
CA GLN A 581 -9.21 -29.59 -14.74
C GLN A 581 -8.87 -28.20 -15.28
N PRO A 582 -9.36 -27.88 -16.50
CA PRO A 582 -9.26 -26.49 -16.96
C PRO A 582 -10.04 -25.54 -16.05
N GLY A 583 -9.57 -24.30 -15.99
CA GLY A 583 -10.29 -23.24 -15.32
C GLY A 583 -11.35 -22.64 -16.23
N LYS A 584 -12.04 -21.63 -15.72
CA LYS A 584 -13.14 -21.01 -16.43
C LYS A 584 -13.18 -19.54 -16.07
N LEU A 585 -13.09 -18.66 -17.07
CA LEU A 585 -13.35 -17.24 -16.85
C LEU A 585 -14.85 -17.04 -16.77
N ILE A 586 -15.30 -16.42 -15.69
CA ILE A 586 -16.73 -16.19 -15.43
C ILE A 586 -17.17 -14.81 -15.90
N SER A 587 -16.47 -13.77 -15.44
CA SER A 587 -16.82 -12.41 -15.79
C SER A 587 -15.65 -11.51 -15.48
N TRP A 588 -15.63 -10.34 -16.11
CA TRP A 588 -14.77 -9.27 -15.65
C TRP A 588 -15.48 -7.96 -15.85
N SER A 589 -15.02 -6.93 -15.14
CA SER A 589 -15.56 -5.60 -15.26
C SER A 589 -14.42 -4.60 -15.39
N LEU A 590 -14.69 -3.54 -16.14
CA LEU A 590 -13.70 -2.49 -16.41
C LEU A 590 -14.23 -1.14 -15.99
N ARG A 591 -13.41 -0.40 -15.24
CA ARG A 591 -13.70 0.98 -14.91
C ARG A 591 -12.55 1.87 -15.33
N VAL A 592 -12.84 2.83 -16.20
CA VAL A 592 -11.85 3.82 -16.58
C VAL A 592 -12.02 5.09 -15.73
N LEU A 593 -10.93 5.55 -15.12
CA LEU A 593 -10.89 6.79 -14.36
C LEU A 593 -9.99 7.77 -15.11
N GLY A 594 -10.51 8.95 -15.42
CA GLY A 594 -9.71 9.88 -16.18
C GLY A 594 -10.38 11.24 -16.26
N HIS A 595 -10.15 11.93 -17.36
CA HIS A 595 -10.72 13.26 -17.53
C HIS A 595 -10.98 13.58 -18.99
N ASP A 596 -11.82 14.58 -19.20
CA ASP A 596 -12.14 15.07 -20.53
C ASP A 596 -11.18 16.19 -20.92
N ALA A 597 -10.25 15.88 -21.81
CA ALA A 597 -9.26 16.88 -22.26
C ALA A 597 -9.91 17.95 -23.14
N SER B 30 -15.75 -26.53 14.22
CA SER B 30 -16.81 -26.61 13.18
C SER B 30 -16.69 -25.47 12.18
N THR B 31 -17.28 -25.67 11.00
CA THR B 31 -17.35 -24.60 10.01
C THR B 31 -18.57 -23.71 10.29
N ILE B 32 -18.44 -22.43 9.97
CA ILE B 32 -19.51 -21.47 10.16
C ILE B 32 -19.46 -20.42 9.05
N GLU B 33 -20.63 -20.08 8.50
CA GLU B 33 -20.72 -19.09 7.43
C GLU B 33 -20.96 -17.70 8.00
N VAL B 34 -20.05 -16.77 7.72
CA VAL B 34 -20.19 -15.38 8.15
C VAL B 34 -19.81 -14.48 6.98
N ASN B 35 -20.67 -13.51 6.68
CA ASN B 35 -20.45 -12.55 5.59
C ASN B 35 -20.15 -13.21 4.24
N GLY B 36 -20.81 -14.33 3.98
CA GLY B 36 -20.63 -15.07 2.72
C GLY B 36 -19.34 -15.85 2.60
N GLN B 37 -18.67 -16.09 3.73
CA GLN B 37 -17.42 -16.85 3.75
C GLN B 37 -17.39 -17.86 4.90
N THR B 38 -16.54 -18.88 4.74
CA THR B 38 -16.44 -19.99 5.69
C THR B 38 -15.32 -19.77 6.71
N TYR B 39 -15.70 -19.77 8.00
CA TYR B 39 -14.76 -19.66 9.10
C TYR B 39 -14.79 -20.91 9.98
N LEU B 40 -13.88 -20.97 10.95
CA LEU B 40 -13.79 -22.08 11.87
C LEU B 40 -13.98 -21.60 13.30
N ILE B 41 -14.85 -22.27 14.05
CA ILE B 41 -15.18 -21.90 15.43
C ILE B 41 -14.51 -22.82 16.44
N THR B 62 -25.05 -19.80 16.46
CA THR B 62 -25.05 -18.42 16.96
C THR B 62 -23.69 -17.74 16.82
N LEU B 63 -23.72 -16.42 16.69
CA LEU B 63 -22.51 -15.59 16.75
C LEU B 63 -22.75 -14.45 17.72
N ARG B 64 -21.98 -14.41 18.80
CA ARG B 64 -22.10 -13.35 19.79
C ARG B 64 -20.81 -12.53 19.87
N ARG B 65 -20.94 -11.30 20.37
CA ARG B 65 -19.80 -10.44 20.65
C ARG B 65 -18.74 -11.18 21.45
N GLY B 66 -17.49 -11.13 20.99
CA GLY B 66 -16.38 -11.76 21.68
C GLY B 66 -16.03 -13.15 21.17
N ASP B 67 -16.89 -13.71 20.32
CA ASP B 67 -16.61 -15.01 19.70
C ASP B 67 -15.41 -14.91 18.79
N VAL B 68 -14.60 -15.96 18.82
CA VAL B 68 -13.35 -16.00 18.08
C VAL B 68 -13.47 -16.92 16.87
N LEU B 69 -13.01 -16.44 15.72
CA LEU B 69 -13.08 -17.18 14.46
C LEU B 69 -11.69 -17.35 13.84
N MET B 70 -11.43 -18.53 13.31
CA MET B 70 -10.18 -18.79 12.59
C MET B 70 -10.52 -18.97 11.12
N GLN B 71 -9.75 -18.31 10.24
CA GLN B 71 -10.02 -18.35 8.80
C GLN B 71 -8.98 -19.20 8.06
N GLY B 72 -8.84 -20.44 8.48
CA GLY B 72 -7.73 -21.27 8.00
C GLY B 72 -6.50 -20.97 8.84
N ALA B 73 -5.35 -21.48 8.39
CA ALA B 73 -4.13 -21.43 9.21
C ALA B 73 -3.00 -20.54 8.68
N ALA B 74 -3.32 -19.56 7.84
CA ALA B 74 -2.37 -18.52 7.46
C ALA B 74 -3.02 -17.14 7.53
N SER B 75 -3.86 -16.96 8.54
CA SER B 75 -4.61 -15.72 8.72
C SER B 75 -4.75 -15.39 10.20
N PRO B 76 -4.94 -14.10 10.53
CA PRO B 76 -5.06 -13.71 11.93
C PRO B 76 -6.38 -14.19 12.54
N GLU B 77 -6.34 -14.42 13.85
CA GLU B 77 -7.51 -14.70 14.66
C GLU B 77 -8.47 -13.51 14.58
N LEU B 78 -9.74 -13.78 14.25
CA LEU B 78 -10.75 -12.71 14.18
C LEU B 78 -11.74 -12.79 15.33
N THR B 79 -12.24 -11.63 15.74
CA THR B 79 -13.19 -11.56 16.84
C THR B 79 -14.45 -10.82 16.42
N VAL B 80 -15.61 -11.35 16.82
CA VAL B 80 -16.86 -10.66 16.59
C VAL B 80 -16.88 -9.45 17.50
N SER B 81 -16.78 -8.26 16.91
CA SER B 81 -16.65 -7.02 17.68
C SER B 81 -17.94 -6.60 18.37
N GLY B 82 -19.08 -7.04 17.83
CA GLY B 82 -20.39 -6.59 18.30
C GLY B 82 -21.04 -5.58 17.37
N THR B 83 -20.26 -5.05 16.43
CA THR B 83 -20.73 -4.04 15.48
C THR B 83 -21.19 -4.69 14.17
N LEU B 84 -22.30 -4.17 13.64
CA LEU B 84 -22.82 -4.52 12.33
C LEU B 84 -22.74 -3.29 11.44
N LEU B 85 -22.20 -3.48 10.22
CA LEU B 85 -22.25 -2.44 9.20
C LEU B 85 -23.48 -2.70 8.34
N VAL B 86 -24.27 -1.65 8.12
CA VAL B 86 -25.52 -1.76 7.37
C VAL B 86 -25.55 -0.65 6.31
N GLU B 87 -25.81 -1.02 5.06
CA GLU B 87 -25.97 -0.03 4.00
C GLU B 87 -27.39 0.53 3.99
N ALA B 88 -27.55 1.68 4.64
CA ALA B 88 -28.84 2.36 4.74
C ALA B 88 -28.56 3.81 5.11
N ASP B 89 -29.46 4.70 4.72
CA ASP B 89 -29.40 6.09 5.19
C ASP B 89 -29.64 6.13 6.69
N ASP B 90 -29.31 7.26 7.33
CA ASP B 90 -29.40 7.39 8.79
C ASP B 90 -30.78 7.08 9.35
N ALA B 91 -31.83 7.67 8.76
CA ALA B 91 -33.20 7.47 9.21
C ALA B 91 -33.66 6.02 9.06
N SER B 92 -33.29 5.39 7.95
CA SER B 92 -33.58 3.97 7.73
C SER B 92 -32.80 3.09 8.69
N ALA B 93 -31.53 3.43 8.91
CA ALA B 93 -30.65 2.69 9.83
C ALA B 93 -31.11 2.80 11.28
N LYS B 94 -31.62 3.97 11.65
CA LYS B 94 -32.12 4.23 13.00
C LYS B 94 -33.38 3.41 13.28
N ALA B 95 -34.28 3.37 12.29
CA ALA B 95 -35.51 2.58 12.37
C ALA B 95 -35.21 1.08 12.41
N LEU B 96 -34.20 0.67 11.62
CA LEU B 96 -33.73 -0.72 11.62
C LEU B 96 -33.10 -1.13 12.95
N ALA B 97 -32.45 -0.18 13.61
CA ALA B 97 -31.76 -0.44 14.88
C ALA B 97 -32.72 -0.70 16.03
N THR B 98 -33.71 0.18 16.19
CA THR B 98 -34.69 0.07 17.27
C THR B 98 -35.64 -1.12 17.07
N ARG B 99 -35.94 -1.42 15.81
CA ARG B 99 -36.84 -2.53 15.49
C ARG B 99 -36.11 -3.87 15.29
N HIS B 100 -34.84 -3.91 15.66
CA HIS B 100 -34.05 -5.15 15.71
C HIS B 100 -33.27 -5.30 17.02
N GLY B 101 -33.47 -4.34 17.92
CA GLY B 101 -32.80 -4.35 19.23
C GLY B 101 -31.31 -4.07 19.16
N LEU B 102 -30.95 -3.07 18.37
CA LEU B 102 -29.56 -2.64 18.19
C LEU B 102 -29.41 -1.15 18.47
N ASN B 103 -28.17 -0.72 18.70
CA ASN B 103 -27.88 0.68 18.96
C ASN B 103 -27.15 1.35 17.80
N PHE B 104 -27.77 2.38 17.24
CA PHE B 104 -27.11 3.20 16.22
C PHE B 104 -25.95 3.96 16.85
N LYS B 105 -24.76 3.75 16.31
CA LYS B 105 -23.55 4.39 16.84
C LYS B 105 -23.14 5.61 16.02
N GLN B 106 -23.02 5.43 14.71
CA GLN B 106 -22.52 6.46 13.79
C GLN B 106 -22.69 5.97 12.37
N SER B 107 -22.45 6.86 11.41
CA SER B 107 -22.47 6.48 10.00
C SER B 107 -21.46 7.26 9.18
N SER B 108 -21.15 6.72 8.02
CA SER B 108 -20.27 7.38 7.06
C SER B 108 -20.49 6.74 5.70
N GLY B 109 -20.59 7.57 4.66
CA GLY B 109 -20.70 7.10 3.29
C GLY B 109 -21.90 6.22 3.01
N GLY B 110 -23.00 6.48 3.71
CA GLY B 110 -24.24 5.70 3.54
C GLY B 110 -24.21 4.34 4.22
N ILE B 111 -23.20 4.14 5.08
CA ILE B 111 -23.08 2.89 5.81
C ILE B 111 -23.07 3.17 7.31
N ALA B 112 -24.02 2.56 8.01
CA ALA B 112 -24.17 2.78 9.43
C ALA B 112 -23.50 1.68 10.24
N LEU B 113 -22.98 2.07 11.40
CA LEU B 113 -22.45 1.16 12.39
C LEU B 113 -23.47 1.01 13.50
N LEU B 114 -23.95 -0.21 13.68
CA LEU B 114 -24.92 -0.53 14.73
C LEU B 114 -24.27 -1.51 15.69
N GLU B 115 -24.48 -1.29 16.99
CA GLU B 115 -23.88 -2.16 17.98
C GLU B 115 -24.92 -3.07 18.62
N ALA B 116 -24.57 -4.34 18.74
CA ALA B 116 -25.44 -5.33 19.37
C ALA B 116 -25.27 -5.28 20.87
N LYS B 117 -26.38 -5.48 21.58
CA LYS B 117 -26.40 -5.50 23.04
C LYS B 117 -25.93 -6.86 23.54
N PRO B 118 -25.46 -6.95 24.80
CA PRO B 118 -25.03 -8.26 25.31
C PRO B 118 -26.09 -9.33 25.13
N GLY B 119 -25.68 -10.52 24.71
CA GLY B 119 -26.59 -11.64 24.51
C GLY B 119 -27.11 -11.81 23.08
N THR B 120 -27.03 -10.74 22.29
CA THR B 120 -27.55 -10.74 20.92
C THR B 120 -26.82 -11.74 20.03
N ASP B 121 -27.58 -12.52 19.28
CA ASP B 121 -27.03 -13.40 18.26
C ASP B 121 -26.96 -12.60 16.95
N LEU B 122 -25.75 -12.15 16.63
CA LEU B 122 -25.54 -11.30 15.46
C LEU B 122 -25.82 -12.00 14.14
N ASN B 123 -25.54 -13.30 14.07
CA ASN B 123 -25.83 -14.07 12.87
C ASN B 123 -27.33 -14.15 12.54
N ALA B 124 -28.16 -14.29 13.58
CA ALA B 124 -29.61 -14.26 13.41
C ALA B 124 -30.09 -12.89 12.94
N ILE B 125 -29.53 -11.83 13.50
CA ILE B 125 -29.84 -10.46 13.08
C ILE B 125 -29.47 -10.24 11.62
N ALA B 126 -28.26 -10.68 11.24
CA ALA B 126 -27.75 -10.48 9.88
C ALA B 126 -28.56 -11.23 8.84
N THR B 127 -28.94 -12.48 9.14
CA THR B 127 -29.75 -13.27 8.22
C THR B 127 -31.14 -12.67 8.02
N LYS B 128 -31.70 -12.10 9.08
CA LYS B 128 -32.99 -11.42 9.01
C LYS B 128 -32.90 -10.18 8.11
N LEU B 129 -31.87 -9.37 8.35
CA LEU B 129 -31.64 -8.15 7.55
C LEU B 129 -31.44 -8.45 6.07
N LYS B 130 -30.72 -9.53 5.77
CA LYS B 130 -30.52 -10.00 4.39
C LYS B 130 -31.86 -10.33 3.74
N SER B 131 -32.71 -11.04 4.48
CA SER B 131 -34.04 -11.43 3.99
C SER B 131 -34.94 -10.22 3.75
N GLU B 132 -34.68 -9.12 4.48
CA GLU B 132 -35.39 -7.86 4.30
C GLU B 132 -34.79 -6.99 3.18
N GLY B 133 -33.76 -7.51 2.52
CA GLY B 133 -33.12 -6.82 1.40
C GLY B 133 -32.07 -5.79 1.78
N VAL B 134 -31.54 -5.91 3.00
CA VAL B 134 -30.55 -4.97 3.50
C VAL B 134 -29.17 -5.61 3.43
N ASN B 135 -28.20 -4.88 2.86
CA ASN B 135 -26.80 -5.30 2.86
C ASN B 135 -26.18 -5.09 4.24
N VAL B 136 -25.67 -6.16 4.82
CA VAL B 136 -25.15 -6.14 6.18
C VAL B 136 -23.81 -6.88 6.25
N GLN B 137 -22.91 -6.39 7.11
CA GLN B 137 -21.65 -7.07 7.38
C GLN B 137 -21.41 -7.10 8.88
N ILE B 138 -21.21 -8.30 9.41
CA ILE B 138 -20.81 -8.47 10.80
C ILE B 138 -19.32 -8.15 10.90
N GLU B 139 -18.97 -7.17 11.75
CA GLU B 139 -17.56 -6.82 11.89
C GLU B 139 -16.76 -7.90 12.59
N LEU B 140 -15.72 -8.37 11.91
CA LEU B 140 -14.78 -9.32 12.46
C LEU B 140 -13.44 -8.63 12.60
N SER B 141 -13.08 -8.31 13.83
CA SER B 141 -11.93 -7.48 14.14
C SER B 141 -10.68 -8.33 14.36
N GLY B 142 -9.53 -7.67 14.32
CA GLY B 142 -8.26 -8.36 14.52
C GLY B 142 -7.14 -7.70 13.75
N ALA B 143 -5.97 -8.33 13.79
CA ALA B 143 -4.74 -7.73 13.30
C ALA B 143 -4.55 -7.97 11.79
N GLU B 144 -5.48 -7.46 10.99
CA GLU B 144 -5.46 -7.72 9.56
C GLU B 144 -4.41 -6.86 8.84
N GLN B 145 -4.39 -5.58 9.17
CA GLN B 145 -3.35 -4.71 8.63
C GLN B 145 -2.06 -4.87 9.41
N GLN B 146 -0.94 -4.87 8.68
CA GLN B 146 0.36 -5.12 9.27
C GLN B 146 1.30 -3.98 8.90
N PRO B 147 2.15 -3.55 9.85
CA PRO B 147 3.18 -2.56 9.49
C PRO B 147 4.11 -3.10 8.41
N LYS B 148 4.45 -2.26 7.45
CA LYS B 148 5.36 -2.65 6.38
C LYS B 148 6.76 -2.05 6.58
#